data_5OFX
#
_entry.id   5OFX
#
_cell.length_a   58.979
_cell.length_b   62.998
_cell.length_c   75.860
_cell.angle_alpha   101.15
_cell.angle_beta   112.79
_cell.angle_gamma   94.44
#
_symmetry.space_group_name_H-M   'P 1'
#
loop_
_entity.id
_entity.type
_entity.pdbx_description
1 polymer PllA
2 branched alpha-D-galactopyranose-(1-6)-alpha-D-glucopyranose-(1-2)-beta-D-fructofuranose
3 non-polymer 'CALCIUM ION'
4 water water
#
_entity_poly.entity_id   1
_entity_poly.type   'polypeptide(L)'
_entity_poly.pdbx_seq_one_letter_code
;MSDWSGSVPANAENGKSTGLILKQGDTISVVAHGWVKYGRDNVEWAAPDGPVPNNPQPSSIATLVAKIANKKFAIGNGVL
HKTVPVDGELILLFNDVPGTFGDNSGEFQVEVIIESRYSPLK
;
_entity_poly.pdbx_strand_id   A,B,C,D,E,F,G,H
#
# COMPACT_ATOMS: atom_id res chain seq x y z
N SER A 2 8.88 -21.02 -26.84
CA SER A 2 9.92 -20.28 -26.13
C SER A 2 11.26 -20.98 -26.26
N ASP A 3 12.34 -20.21 -26.38
CA ASP A 3 13.68 -20.77 -26.30
C ASP A 3 13.89 -21.42 -24.93
N TRP A 4 13.32 -20.83 -23.88
CA TRP A 4 13.36 -21.40 -22.55
C TRP A 4 12.10 -20.99 -21.82
N SER A 5 11.51 -21.95 -21.09
CA SER A 5 10.42 -21.67 -20.18
C SER A 5 10.64 -22.48 -18.91
N GLY A 6 10.41 -21.85 -17.77
CA GLY A 6 10.62 -22.54 -16.51
C GLY A 6 10.23 -21.66 -15.35
N SER A 7 10.59 -22.14 -14.16
CA SER A 7 10.27 -21.45 -12.92
C SER A 7 11.52 -20.75 -12.39
N VAL A 8 11.31 -19.59 -11.79
CA VAL A 8 12.36 -18.85 -11.10
C VAL A 8 11.98 -18.76 -9.64
N PRO A 9 12.55 -19.61 -8.77
CA PRO A 9 12.18 -19.57 -7.36
C PRO A 9 12.72 -18.33 -6.67
N ALA A 10 11.87 -17.72 -5.84
CA ALA A 10 12.30 -16.55 -5.09
C ALA A 10 13.38 -16.87 -4.07
N ASN A 11 13.49 -18.13 -3.63
CA ASN A 11 14.46 -18.49 -2.62
C ASN A 11 15.78 -18.99 -3.20
N ALA A 12 15.95 -18.93 -4.52
CA ALA A 12 17.19 -19.33 -5.18
C ALA A 12 18.13 -18.13 -5.21
N GLU A 13 19.08 -18.09 -4.28
CA GLU A 13 20.00 -16.95 -4.19
C GLU A 13 20.88 -16.82 -5.42
N ASN A 14 21.12 -17.93 -6.13
CA ASN A 14 21.91 -17.90 -7.35
C ASN A 14 21.05 -17.94 -8.61
N GLY A 15 19.75 -17.76 -8.46
CA GLY A 15 18.86 -17.65 -9.60
C GLY A 15 18.65 -18.98 -10.29
N LYS A 16 18.09 -18.90 -11.49
CA LYS A 16 17.77 -20.05 -12.30
C LYS A 16 18.53 -19.93 -13.62
N SER A 17 19.42 -20.88 -13.87
CA SER A 17 20.15 -20.91 -15.13
C SER A 17 19.22 -21.36 -16.25
N THR A 18 19.15 -20.57 -17.33
CA THR A 18 18.32 -20.92 -18.46
C THR A 18 19.03 -21.81 -19.47
N GLY A 19 20.36 -21.90 -19.40
CA GLY A 19 21.10 -22.59 -20.43
C GLY A 19 21.22 -21.84 -21.73
N LEU A 20 20.66 -20.64 -21.85
CA LEU A 20 20.75 -19.86 -23.07
C LEU A 20 22.04 -19.05 -23.04
N ILE A 21 22.90 -19.29 -24.03
CA ILE A 21 24.22 -18.66 -24.09
C ILE A 21 24.08 -17.48 -25.03
N LEU A 22 24.06 -16.27 -24.48
CA LEU A 22 23.84 -15.06 -25.25
C LEU A 22 25.15 -14.42 -25.65
N LYS A 23 25.10 -13.73 -26.79
CA LYS A 23 26.22 -12.96 -27.30
C LYS A 23 25.81 -11.50 -27.41
N GLN A 24 26.76 -10.61 -27.20
CA GLN A 24 26.52 -9.19 -27.43
C GLN A 24 25.91 -8.98 -28.81
N GLY A 25 24.81 -8.24 -28.86
CA GLY A 25 24.12 -7.96 -30.09
C GLY A 25 22.92 -8.83 -30.36
N ASP A 26 22.82 -9.99 -29.71
CA ASP A 26 21.57 -10.73 -29.73
C ASP A 26 20.44 -9.84 -29.22
N THR A 27 19.21 -10.18 -29.60
CA THR A 27 18.03 -9.58 -28.99
C THR A 27 17.18 -10.67 -28.35
N ILE A 28 16.53 -10.33 -27.24
CA ILE A 28 15.72 -11.27 -26.48
C ILE A 28 14.43 -10.59 -26.04
N SER A 29 13.41 -11.42 -25.82
CA SER A 29 12.17 -11.01 -25.19
C SER A 29 11.90 -11.92 -24.00
N VAL A 30 11.25 -11.36 -22.98
CA VAL A 30 10.94 -12.10 -21.76
C VAL A 30 9.56 -11.68 -21.29
N VAL A 31 8.79 -12.65 -20.79
CA VAL A 31 7.59 -12.36 -20.01
C VAL A 31 7.63 -13.20 -18.75
N ALA A 32 7.21 -12.61 -17.64
CA ALA A 32 7.29 -13.28 -16.34
C ALA A 32 5.94 -13.16 -15.63
N HIS A 33 5.46 -14.27 -15.11
CA HIS A 33 4.15 -14.34 -14.48
C HIS A 33 4.27 -14.77 -13.02
N GLY A 34 3.27 -14.39 -12.24
CA GLY A 34 3.10 -14.96 -10.93
C GLY A 34 3.55 -14.07 -9.78
N TRP A 35 3.69 -14.71 -8.62
CA TRP A 35 3.78 -14.00 -7.37
C TRP A 35 4.73 -14.74 -6.45
N VAL A 36 5.54 -13.97 -5.71
CA VAL A 36 6.43 -14.55 -4.73
C VAL A 36 6.34 -13.75 -3.44
N LYS A 37 6.86 -14.35 -2.38
CA LYS A 37 7.05 -13.70 -1.10
C LYS A 37 8.54 -13.45 -0.92
N TYR A 38 8.89 -12.22 -0.54
CA TYR A 38 10.27 -11.92 -0.18
C TYR A 38 10.45 -11.81 1.33
N GLY A 39 9.39 -12.09 2.09
CA GLY A 39 9.44 -12.16 3.53
C GLY A 39 8.23 -12.89 4.05
N ARG A 40 8.21 -13.14 5.35
CA ARG A 40 7.15 -13.95 5.94
C ARG A 40 5.89 -13.16 6.24
N ASP A 41 5.97 -11.83 6.30
CA ASP A 41 4.81 -11.03 6.66
C ASP A 41 3.81 -10.96 5.50
N ASN A 42 2.54 -10.76 5.87
CA ASN A 42 1.46 -10.81 4.90
C ASN A 42 1.61 -9.76 3.81
N VAL A 43 2.37 -8.68 4.05
CA VAL A 43 2.51 -7.61 3.06
C VAL A 43 3.67 -7.84 2.11
N GLU A 44 4.57 -8.78 2.39
CA GLU A 44 5.84 -8.87 1.68
C GLU A 44 5.71 -9.71 0.41
N TRP A 45 4.85 -9.23 -0.49
CA TRP A 45 4.59 -9.86 -1.78
C TRP A 45 5.30 -9.09 -2.88
N ALA A 46 5.74 -9.82 -3.92
CA ALA A 46 6.32 -9.20 -5.10
C ALA A 46 5.81 -9.86 -6.36
N ALA A 47 5.54 -9.03 -7.36
CA ALA A 47 5.46 -9.44 -8.75
C ALA A 47 6.85 -9.37 -9.36
N PRO A 48 7.03 -9.84 -10.59
CA PRO A 48 8.34 -9.66 -11.23
C PRO A 48 8.81 -8.20 -11.24
N ASP A 49 7.89 -7.26 -11.47
CA ASP A 49 8.21 -5.84 -11.43
C ASP A 49 8.73 -5.39 -10.07
N GLY A 50 8.39 -6.10 -9.00
CA GLY A 50 8.92 -5.79 -7.69
C GLY A 50 7.89 -5.86 -6.57
N PRO A 51 8.28 -5.38 -5.39
CA PRO A 51 7.35 -5.39 -4.26
C PRO A 51 6.06 -4.65 -4.59
N VAL A 52 4.96 -5.17 -4.06
CA VAL A 52 3.69 -4.44 -4.09
C VAL A 52 3.95 -3.08 -3.46
N PRO A 53 3.50 -1.96 -4.05
CA PRO A 53 3.98 -0.65 -3.63
C PRO A 53 3.51 -0.19 -2.25
N ASN A 54 2.67 -0.94 -1.54
CA ASN A 54 2.33 -0.56 -0.17
C ASN A 54 3.39 -1.00 0.82
N ASN A 55 4.50 -1.56 0.35
CA ASN A 55 5.62 -1.93 1.20
C ASN A 55 6.90 -1.87 0.38
N PRO A 56 7.28 -0.68 -0.08
CA PRO A 56 8.40 -0.55 -1.00
C PRO A 56 9.73 -0.95 -0.37
N GLN A 57 10.63 -1.41 -1.21
CA GLN A 57 11.98 -1.82 -0.85
C GLN A 57 12.97 -1.04 -1.69
N PRO A 58 14.26 -1.10 -1.35
CA PRO A 58 15.24 -0.30 -2.08
C PRO A 58 15.30 -0.62 -3.56
N SER A 59 15.86 0.33 -4.30
CA SER A 59 15.99 0.21 -5.75
C SER A 59 16.58 -1.13 -6.15
N SER A 60 15.92 -1.81 -7.08
CA SER A 60 16.28 -3.09 -7.68
C SER A 60 15.96 -4.28 -6.78
N ILE A 61 15.60 -4.08 -5.51
CA ILE A 61 15.48 -5.20 -4.60
C ILE A 61 14.12 -5.87 -4.79
N ALA A 62 14.14 -7.21 -4.73
CA ALA A 62 12.94 -8.03 -4.85
C ALA A 62 12.26 -7.79 -6.20
N THR A 63 13.07 -7.60 -7.24
CA THR A 63 12.61 -7.57 -8.62
C THR A 63 13.24 -8.71 -9.40
N LEU A 64 12.61 -9.06 -10.52
CA LEU A 64 13.18 -10.08 -11.41
C LEU A 64 14.20 -9.41 -12.31
N VAL A 65 15.44 -9.90 -12.29
CA VAL A 65 16.50 -9.35 -13.13
C VAL A 65 17.12 -10.46 -13.97
N ALA A 66 17.80 -10.04 -15.02
CA ALA A 66 18.65 -10.92 -15.82
C ALA A 66 20.10 -10.73 -15.38
N LYS A 67 20.76 -11.82 -15.03
CA LYS A 67 22.19 -11.81 -14.74
C LYS A 67 22.92 -12.40 -15.93
N ILE A 68 23.81 -11.61 -16.53
CA ILE A 68 24.61 -12.05 -17.68
C ILE A 68 26.05 -11.70 -17.37
N ALA A 69 26.87 -12.73 -17.15
CA ALA A 69 28.29 -12.56 -16.81
C ALA A 69 28.46 -11.61 -15.62
N ASN A 70 27.73 -11.90 -14.54
CA ASN A 70 27.81 -11.13 -13.30
C ASN A 70 27.41 -9.66 -13.51
N LYS A 71 26.69 -9.36 -14.58
CA LYS A 71 26.05 -8.07 -14.77
C LYS A 71 24.54 -8.25 -14.65
N LYS A 72 23.86 -7.30 -14.01
CA LYS A 72 22.43 -7.40 -13.78
C LYS A 72 21.69 -6.39 -14.64
N PHE A 73 20.56 -6.82 -15.20
CA PHE A 73 19.72 -5.97 -16.02
C PHE A 73 18.26 -6.13 -15.60
N ALA A 74 17.52 -5.02 -15.64
CA ALA A 74 16.11 -5.06 -15.28
C ALA A 74 15.30 -5.85 -16.30
N ILE A 75 14.40 -6.70 -15.79
CA ILE A 75 13.48 -7.48 -16.61
C ILE A 75 12.07 -7.21 -16.10
N GLY A 76 11.84 -7.50 -14.83
CA GLY A 76 10.52 -7.31 -14.27
C GLY A 76 9.49 -8.17 -14.96
N ASN A 77 8.30 -7.60 -15.19
CA ASN A 77 7.23 -8.35 -15.82
C ASN A 77 7.59 -8.77 -17.24
N GLY A 78 8.55 -8.11 -17.87
CA GLY A 78 9.02 -8.56 -19.17
C GLY A 78 9.67 -7.44 -19.94
N VAL A 79 10.29 -7.85 -21.06
CA VAL A 79 10.91 -6.93 -22.01
C VAL A 79 10.68 -7.49 -23.40
N LEU A 80 10.65 -6.61 -24.40
CA LEU A 80 10.46 -6.99 -25.79
C LEU A 80 11.62 -6.53 -26.65
N HIS A 81 12.21 -7.48 -27.38
CA HIS A 81 13.24 -7.20 -28.40
C HIS A 81 14.33 -6.27 -27.87
N LYS A 82 14.90 -6.64 -26.71
CA LYS A 82 16.00 -5.87 -26.13
C LYS A 82 17.35 -6.44 -26.55
N THR A 83 18.29 -5.55 -26.86
CA THR A 83 19.62 -5.97 -27.27
C THR A 83 20.48 -6.32 -26.06
N VAL A 84 21.18 -7.44 -26.17
CA VAL A 84 22.05 -7.95 -25.10
C VAL A 84 23.37 -7.20 -25.15
N PRO A 85 23.81 -6.57 -24.06
CA PRO A 85 25.08 -5.81 -24.10
C PRO A 85 26.35 -6.61 -23.85
N VAL A 86 26.27 -7.86 -23.36
CA VAL A 86 27.45 -8.60 -22.97
C VAL A 86 27.23 -10.08 -23.23
N ASP A 87 28.32 -10.80 -23.51
CA ASP A 87 28.25 -12.25 -23.63
C ASP A 87 28.02 -12.87 -22.26
N GLY A 88 27.18 -13.90 -22.21
CA GLY A 88 27.11 -14.73 -21.03
C GLY A 88 25.88 -15.62 -21.06
N GLU A 89 25.87 -16.58 -20.14
CA GLU A 89 24.66 -17.36 -19.92
C GLU A 89 23.61 -16.46 -19.28
N LEU A 90 22.37 -16.62 -19.72
CA LEU A 90 21.25 -15.90 -19.12
C LEU A 90 20.84 -16.62 -17.84
N ILE A 91 21.07 -15.97 -16.70
CA ILE A 91 20.58 -16.41 -15.40
C ILE A 91 19.44 -15.48 -15.00
N LEU A 92 18.29 -16.04 -14.66
CA LEU A 92 17.16 -15.27 -14.16
C LEU A 92 17.17 -15.31 -12.64
N LEU A 93 17.03 -14.14 -12.01
CA LEU A 93 17.24 -14.02 -10.58
C LEU A 93 16.18 -13.14 -9.94
N PHE A 94 15.61 -13.63 -8.84
CA PHE A 94 14.85 -12.76 -7.95
C PHE A 94 15.85 -12.02 -7.07
N ASN A 95 15.99 -10.72 -7.32
CA ASN A 95 17.13 -9.95 -6.83
C ASN A 95 16.89 -9.46 -5.40
N ASP A 96 16.71 -10.42 -4.49
CA ASP A 96 16.61 -10.08 -3.07
C ASP A 96 18.00 -9.70 -2.55
N VAL A 97 18.03 -9.13 -1.35
CA VAL A 97 19.31 -8.77 -0.74
C VAL A 97 20.07 -10.03 -0.38
N PRO A 98 21.37 -10.13 -0.68
CA PRO A 98 22.11 -11.35 -0.33
C PRO A 98 21.94 -11.72 1.13
N GLY A 99 21.70 -13.00 1.38
CA GLY A 99 21.50 -13.52 2.72
C GLY A 99 20.07 -13.47 3.22
N THR A 100 19.14 -12.92 2.44
CA THR A 100 17.74 -12.83 2.87
C THR A 100 16.80 -13.69 2.01
N PHE A 101 17.34 -14.71 1.36
CA PHE A 101 16.51 -15.59 0.54
C PHE A 101 15.83 -16.67 1.35
N GLY A 102 16.24 -16.87 2.61
CA GLY A 102 15.69 -17.94 3.42
C GLY A 102 14.25 -17.75 3.82
N ASP A 103 13.74 -16.52 3.81
CA ASP A 103 12.34 -16.27 4.12
C ASP A 103 11.52 -16.03 2.86
N ASN A 104 12.02 -16.44 1.70
CA ASN A 104 11.32 -16.28 0.43
C ASN A 104 10.58 -17.56 0.06
N SER A 105 9.51 -17.40 -0.71
CA SER A 105 8.73 -18.56 -1.13
C SER A 105 8.01 -18.22 -2.41
N GLY A 106 7.62 -19.26 -3.13
CA GLY A 106 6.95 -19.09 -4.41
C GLY A 106 7.94 -18.95 -5.55
N GLU A 107 7.38 -18.91 -6.76
CA GLU A 107 8.20 -18.87 -7.97
C GLU A 107 7.45 -18.14 -9.07
N PHE A 108 8.20 -17.51 -9.95
CA PHE A 108 7.66 -16.92 -11.16
C PHE A 108 7.71 -17.95 -12.29
N GLN A 109 6.73 -17.87 -13.19
CA GLN A 109 6.74 -18.63 -14.43
C GLN A 109 7.21 -17.70 -15.55
N VAL A 110 8.33 -18.03 -16.17
CA VAL A 110 9.01 -17.12 -17.08
C VAL A 110 9.20 -17.78 -18.43
N GLU A 111 9.11 -16.97 -19.50
CA GLU A 111 9.35 -17.41 -20.87
C GLU A 111 10.38 -16.48 -21.49
N VAL A 112 11.37 -17.06 -22.16
CA VAL A 112 12.43 -16.31 -22.82
C VAL A 112 12.45 -16.72 -24.28
N ILE A 113 12.51 -15.74 -25.18
CA ILE A 113 12.68 -15.96 -26.61
C ILE A 113 13.91 -15.19 -27.05
N ILE A 114 14.83 -15.88 -27.72
CA ILE A 114 15.95 -15.20 -28.37
C ILE A 114 15.45 -14.75 -29.73
N GLU A 115 15.19 -13.45 -29.86
CA GLU A 115 14.55 -12.93 -31.07
C GLU A 115 15.49 -12.93 -32.26
N SER A 116 16.79 -12.73 -32.01
CA SER A 116 17.74 -12.77 -33.10
C SER A 116 19.14 -12.95 -32.53
N ARG A 117 20.00 -13.55 -33.34
CA ARG A 117 21.42 -13.68 -33.04
C ARG A 117 22.19 -12.63 -33.82
N TYR A 118 23.17 -12.00 -33.16
CA TYR A 118 23.83 -10.85 -33.75
C TYR A 118 24.42 -11.15 -35.12
N SER A 119 24.08 -10.31 -36.08
CA SER A 119 24.66 -10.38 -37.40
C SER A 119 24.58 -9.00 -38.03
N PRO A 120 25.70 -8.36 -38.34
CA PRO A 120 25.65 -6.97 -38.79
C PRO A 120 25.32 -6.84 -40.28
N LEU A 121 24.68 -5.75 -40.60
CA LEU A 121 24.41 -5.40 -41.94
C LEU A 121 25.74 -4.85 -42.47
N LYS A 122 26.19 -5.33 -43.61
CA LYS A 122 27.52 -4.94 -44.05
C LYS A 122 27.67 -4.73 -45.51
N SER B 2 27.67 6.73 33.53
CA SER B 2 26.55 5.98 32.96
C SER B 2 26.28 4.72 33.76
N ASP B 3 25.03 4.23 33.68
CA ASP B 3 24.72 2.91 34.22
C ASP B 3 25.37 1.81 33.38
N TRP B 4 25.47 2.04 32.08
CA TRP B 4 26.19 1.14 31.19
C TRP B 4 26.76 1.99 30.08
N SER B 5 28.01 1.71 29.70
CA SER B 5 28.56 2.27 28.48
C SER B 5 29.37 1.19 27.81
N GLY B 6 29.31 1.15 26.48
CA GLY B 6 30.07 0.15 25.77
C GLY B 6 29.83 0.26 24.29
N SER B 7 30.33 -0.75 23.59
CA SER B 7 30.25 -0.79 22.14
C SER B 7 29.05 -1.62 21.70
N VAL B 8 28.45 -1.21 20.59
CA VAL B 8 27.43 -1.97 19.90
C VAL B 8 27.95 -2.27 18.50
N PRO B 9 28.46 -3.48 18.27
CA PRO B 9 28.99 -3.81 16.95
C PRO B 9 27.88 -3.92 15.91
N ALA B 10 28.14 -3.33 14.74
CA ALA B 10 27.20 -3.44 13.63
C ALA B 10 27.04 -4.88 13.16
N ASN B 11 28.07 -5.72 13.33
CA ASN B 11 28.03 -7.08 12.81
C ASN B 11 27.42 -8.09 13.79
N ALA B 12 26.94 -7.65 14.94
CA ALA B 12 26.40 -8.55 15.96
C ALA B 12 24.90 -8.70 15.73
N GLU B 13 24.52 -9.84 15.14
CA GLU B 13 23.11 -10.06 14.76
C GLU B 13 22.22 -10.13 16.00
N ASN B 14 22.76 -10.55 17.14
CA ASN B 14 22.01 -10.59 18.39
C ASN B 14 22.31 -9.40 19.29
N GLY B 15 23.05 -8.41 18.80
CA GLY B 15 23.23 -7.18 19.51
C GLY B 15 24.17 -7.30 20.70
N LYS B 16 24.02 -6.36 21.63
CA LYS B 16 24.89 -6.22 22.78
C LYS B 16 24.04 -6.20 24.03
N SER B 17 24.20 -7.20 24.88
CA SER B 17 23.47 -7.25 26.13
C SER B 17 24.14 -6.30 27.13
N THR B 18 23.34 -5.45 27.76
CA THR B 18 23.88 -4.47 28.70
C THR B 18 23.89 -4.95 30.13
N GLY B 19 23.19 -6.04 30.45
CA GLY B 19 23.05 -6.49 31.82
C GLY B 19 22.11 -5.64 32.64
N LEU B 20 21.55 -4.59 32.08
CA LEU B 20 20.59 -3.76 32.80
C LEU B 20 19.22 -4.41 32.75
N ILE B 21 18.66 -4.69 33.91
CA ILE B 21 17.38 -5.36 34.04
C ILE B 21 16.34 -4.29 34.27
N LEU B 22 15.55 -3.99 33.25
CA LEU B 22 14.60 -2.90 33.27
C LEU B 22 13.22 -3.43 33.63
N LYS B 23 12.44 -2.58 34.29
CA LYS B 23 11.07 -2.90 34.66
C LYS B 23 10.10 -1.89 34.06
N GLN B 24 8.87 -2.34 33.84
CA GLN B 24 7.81 -1.43 33.43
C GLN B 24 7.80 -0.21 34.33
N GLY B 25 7.76 0.97 33.72
CA GLY B 25 7.66 2.20 34.47
C GLY B 25 8.99 2.85 34.79
N ASP B 26 10.10 2.11 34.72
CA ASP B 26 11.41 2.74 34.73
C ASP B 26 11.49 3.75 33.59
N THR B 27 12.37 4.74 33.74
CA THR B 27 12.69 5.66 32.67
C THR B 27 14.18 5.59 32.37
N ILE B 28 14.53 5.72 31.09
CA ILE B 28 15.92 5.62 30.67
C ILE B 28 16.26 6.71 29.66
N SER B 29 17.55 7.01 29.57
CA SER B 29 18.09 7.87 28.53
C SER B 29 19.27 7.17 27.89
N VAL B 30 19.46 7.43 26.60
CA VAL B 30 20.52 6.81 25.82
C VAL B 30 21.10 7.85 24.89
N VAL B 31 22.42 7.78 24.68
CA VAL B 31 23.07 8.54 23.62
C VAL B 31 24.03 7.60 22.91
N ALA B 32 24.11 7.72 21.59
CA ALA B 32 24.93 6.81 20.78
C ALA B 32 25.79 7.63 19.83
N HIS B 33 27.06 7.27 19.76
CA HIS B 33 28.04 7.97 18.94
C HIS B 33 28.68 7.02 17.93
N GLY B 34 29.19 7.60 16.85
CA GLY B 34 30.05 6.87 15.95
C GLY B 34 29.39 6.46 14.65
N TRP B 35 30.09 5.58 13.95
CA TRP B 35 29.83 5.28 12.55
C TRP B 35 30.05 3.80 12.31
N VAL B 36 29.17 3.21 11.49
CA VAL B 36 29.32 1.82 11.07
C VAL B 36 29.03 1.71 9.58
N LYS B 37 29.52 0.62 8.99
CA LYS B 37 29.13 0.19 7.66
C LYS B 37 28.05 -0.87 7.78
N TYR B 38 26.94 -0.71 7.06
CA TYR B 38 25.97 -1.79 6.93
C TYR B 38 26.11 -2.51 5.59
N GLY B 39 27.09 -2.13 4.78
CA GLY B 39 27.41 -2.81 3.54
C GLY B 39 28.80 -2.42 3.09
N ARG B 40 29.26 -3.09 2.03
CA ARG B 40 30.64 -2.92 1.56
C ARG B 40 30.83 -1.74 0.61
N ASP B 41 29.76 -1.15 0.09
CA ASP B 41 29.93 -0.01 -0.81
C ASP B 41 30.35 1.24 -0.03
N ASN B 42 30.95 2.18 -0.78
CA ASN B 42 31.48 3.41 -0.19
C ASN B 42 30.39 4.22 0.51
N VAL B 43 29.14 4.12 0.04
CA VAL B 43 28.04 4.93 0.59
C VAL B 43 27.31 4.27 1.77
N GLU B 44 27.61 3.02 2.08
CA GLU B 44 26.79 2.25 3.02
C GLU B 44 27.25 2.46 4.47
N TRP B 45 27.21 3.73 4.87
CA TRP B 45 27.49 4.15 6.24
C TRP B 45 26.18 4.39 6.98
N ALA B 46 26.18 4.14 8.29
CA ALA B 46 25.05 4.49 9.13
C ALA B 46 25.53 5.20 10.39
N ALA B 47 24.81 6.24 10.77
CA ALA B 47 24.84 6.74 12.14
C ALA B 47 23.83 5.95 12.96
N PRO B 48 23.80 6.12 14.28
CA PRO B 48 22.77 5.42 15.05
C PRO B 48 21.37 5.72 14.55
N ASP B 49 21.13 6.96 14.09
CA ASP B 49 19.84 7.33 13.53
C ASP B 49 19.51 6.53 12.27
N GLY B 50 20.52 5.98 11.60
CA GLY B 50 20.29 5.17 10.42
C GLY B 50 21.25 5.44 9.27
N PRO B 51 20.95 4.84 8.11
CA PRO B 51 21.79 5.05 6.93
C PRO B 51 21.87 6.51 6.51
N VAL B 52 23.02 6.88 5.98
CA VAL B 52 23.13 8.21 5.35
C VAL B 52 22.06 8.34 4.28
N PRO B 53 21.32 9.46 4.20
CA PRO B 53 20.10 9.49 3.39
C PRO B 53 20.32 9.48 1.88
N ASN B 54 21.56 9.49 1.40
CA ASN B 54 21.78 9.32 -0.03
C ASN B 54 21.71 7.86 -0.45
N ASN B 55 21.41 6.97 0.48
CA ASN B 55 21.25 5.54 0.22
C ASN B 55 20.30 4.96 1.26
N PRO B 56 19.02 5.34 1.22
CA PRO B 56 18.13 4.97 2.32
C PRO B 56 17.72 3.51 2.27
N GLN B 57 17.43 2.96 3.44
CA GLN B 57 16.99 1.58 3.61
C GLN B 57 15.59 1.60 4.21
N PRO B 58 14.90 0.46 4.28
CA PRO B 58 13.51 0.47 4.77
C PRO B 58 13.40 0.93 6.21
N SER B 59 12.19 1.34 6.57
CA SER B 59 11.86 1.80 7.92
C SER B 59 12.47 0.91 8.99
N SER B 60 13.28 1.52 9.86
CA SER B 60 13.92 0.94 11.05
C SER B 60 15.19 0.17 10.72
N ILE B 61 15.48 -0.11 9.44
CA ILE B 61 16.63 -0.94 9.11
C ILE B 61 17.92 -0.15 9.26
N ALA B 62 18.96 -0.82 9.77
CA ALA B 62 20.28 -0.24 9.93
C ALA B 62 20.24 1.00 10.82
N THR B 63 19.37 0.95 11.83
CA THR B 63 19.33 1.92 12.90
C THR B 63 19.63 1.22 14.22
N LEU B 64 20.05 2.00 15.21
CA LEU B 64 20.21 1.48 16.56
C LEU B 64 18.84 1.38 17.24
N VAL B 65 18.52 0.20 17.77
CA VAL B 65 17.27 -0.02 18.47
C VAL B 65 17.56 -0.65 19.82
N ALA B 66 16.55 -0.63 20.68
CA ALA B 66 16.59 -1.32 21.96
C ALA B 66 15.65 -2.52 21.88
N LYS B 67 16.15 -3.67 22.32
CA LYS B 67 15.33 -4.87 22.46
C LYS B 67 15.11 -5.10 23.95
N ILE B 68 13.84 -5.19 24.35
CA ILE B 68 13.47 -5.50 25.73
C ILE B 68 12.39 -6.58 25.65
N ALA B 69 12.69 -7.75 26.20
CA ALA B 69 11.80 -8.91 26.10
C ALA B 69 11.36 -9.13 24.65
N ASN B 70 12.33 -9.06 23.75
CA ASN B 70 12.11 -9.33 22.33
C ASN B 70 11.49 -8.14 21.61
N LYS B 71 10.65 -7.37 22.30
CA LYS B 71 10.07 -6.18 21.67
C LYS B 71 11.17 -5.19 21.33
N LYS B 72 10.95 -4.40 20.28
CA LYS B 72 11.94 -3.50 19.71
C LYS B 72 11.46 -2.05 19.78
N PHE B 73 12.36 -1.15 20.14
CA PHE B 73 12.06 0.26 20.28
C PHE B 73 13.14 1.09 19.59
N ALA B 74 12.71 2.18 18.97
CA ALA B 74 13.64 3.11 18.34
C ALA B 74 14.52 3.78 19.40
N ILE B 75 15.81 3.93 19.07
CA ILE B 75 16.72 4.72 19.88
C ILE B 75 17.46 5.70 18.97
N GLY B 76 18.08 5.19 17.93
CA GLY B 76 18.89 6.03 17.06
C GLY B 76 19.98 6.73 17.83
N ASN B 77 20.20 8.01 17.50
CA ASN B 77 21.24 8.81 18.15
C ASN B 77 21.01 8.96 19.64
N GLY B 78 19.78 8.81 20.11
CA GLY B 78 19.53 8.77 21.55
C GLY B 78 18.11 9.15 21.88
N VAL B 79 17.77 8.97 23.16
CA VAL B 79 16.47 9.32 23.70
C VAL B 79 16.67 9.82 25.12
N LEU B 80 15.77 10.68 25.58
CA LEU B 80 15.86 11.28 26.90
C LEU B 80 14.61 10.95 27.72
N HIS B 81 14.82 10.33 28.88
CA HIS B 81 13.78 10.18 29.90
C HIS B 81 12.53 9.48 29.37
N LYS B 82 12.75 8.38 28.64
CA LYS B 82 11.66 7.61 28.08
C LYS B 82 11.21 6.49 29.03
N THR B 83 9.90 6.26 29.07
CA THR B 83 9.36 5.26 29.98
C THR B 83 9.44 3.86 29.37
N VAL B 84 9.91 2.90 30.16
CA VAL B 84 10.04 1.51 29.73
C VAL B 84 8.68 0.85 29.84
N PRO B 85 8.12 0.30 28.75
CA PRO B 85 6.79 -0.32 28.83
C PRO B 85 6.74 -1.80 29.18
N VAL B 86 7.88 -2.49 29.24
CA VAL B 86 7.89 -3.93 29.49
C VAL B 86 9.10 -4.31 30.35
N ASP B 87 8.97 -5.41 31.08
CA ASP B 87 10.09 -5.96 31.84
C ASP B 87 11.07 -6.68 30.91
N GLY B 88 12.36 -6.43 31.11
CA GLY B 88 13.36 -7.27 30.47
C GLY B 88 14.73 -6.64 30.53
N GLU B 89 15.72 -7.44 30.14
CA GLU B 89 17.07 -6.94 29.99
C GLU B 89 17.18 -6.08 28.73
N LEU B 90 17.88 -4.95 28.86
CA LEU B 90 18.10 -4.06 27.73
C LEU B 90 19.17 -4.64 26.83
N ILE B 91 18.79 -4.97 25.60
CA ILE B 91 19.73 -5.37 24.55
C ILE B 91 19.77 -4.26 23.52
N LEU B 92 20.97 -3.77 23.21
CA LEU B 92 21.14 -2.78 22.17
C LEU B 92 21.52 -3.48 20.87
N LEU B 93 20.88 -3.09 19.77
CA LEU B 93 21.02 -3.83 18.51
C LEU B 93 21.11 -2.88 17.33
N PHE B 94 22.09 -3.11 16.47
CA PHE B 94 22.08 -2.51 15.13
C PHE B 94 21.10 -3.31 14.29
N ASN B 95 19.97 -2.68 13.94
CA ASN B 95 18.81 -3.40 13.42
C ASN B 95 18.91 -3.60 11.90
N ASP B 96 19.95 -4.33 11.49
CA ASP B 96 20.04 -4.69 10.08
C ASP B 96 19.04 -5.80 9.78
N VAL B 97 18.82 -6.04 8.49
CA VAL B 97 17.91 -7.12 8.08
C VAL B 97 18.52 -8.45 8.49
N PRO B 98 17.74 -9.37 9.08
CA PRO B 98 18.30 -10.66 9.45
C PRO B 98 18.99 -11.33 8.27
N GLY B 99 20.19 -11.86 8.52
CA GLY B 99 20.96 -12.51 7.49
C GLY B 99 21.92 -11.60 6.72
N THR B 100 21.91 -10.29 6.97
CA THR B 100 22.79 -9.37 6.26
C THR B 100 23.82 -8.70 7.17
N PHE B 101 24.16 -9.32 8.29
CA PHE B 101 25.17 -8.74 9.18
C PHE B 101 26.59 -9.08 8.75
N GLY B 102 26.76 -9.97 7.76
CA GLY B 102 28.09 -10.41 7.36
C GLY B 102 28.90 -9.38 6.59
N ASP B 103 28.25 -8.36 6.03
CA ASP B 103 28.96 -7.27 5.37
C ASP B 103 29.00 -6.01 6.22
N ASN B 104 28.73 -6.13 7.52
CA ASN B 104 28.72 -5.01 8.45
C ASN B 104 30.05 -4.90 9.18
N SER B 105 30.40 -3.67 9.57
CA SER B 105 31.61 -3.47 10.35
C SER B 105 31.48 -2.17 11.13
N GLY B 106 32.42 -1.98 12.06
CA GLY B 106 32.39 -0.84 12.94
C GLY B 106 31.47 -1.04 14.13
N GLU B 107 31.51 -0.08 15.04
CA GLU B 107 30.69 -0.17 16.24
C GLU B 107 30.33 1.23 16.72
N PHE B 108 29.15 1.35 17.33
CA PHE B 108 28.75 2.57 18.01
C PHE B 108 29.22 2.54 19.46
N GLN B 109 29.52 3.72 19.99
CA GLN B 109 29.78 3.88 21.42
C GLN B 109 28.53 4.47 22.05
N VAL B 110 27.95 3.75 23.02
CA VAL B 110 26.63 4.06 23.54
C VAL B 110 26.70 4.16 25.05
N GLU B 111 25.94 5.12 25.60
CA GLU B 111 25.79 5.27 27.03
C GLU B 111 24.32 5.16 27.39
N VAL B 112 24.03 4.45 28.47
CA VAL B 112 22.67 4.28 28.97
C VAL B 112 22.64 4.72 30.43
N ILE B 113 21.65 5.53 30.78
CA ILE B 113 21.39 5.93 32.16
C ILE B 113 19.96 5.53 32.50
N ILE B 114 19.81 4.76 33.58
CA ILE B 114 18.49 4.51 34.13
C ILE B 114 18.13 5.73 34.96
N GLU B 115 17.22 6.55 34.43
CA GLU B 115 16.91 7.83 35.07
C GLU B 115 16.12 7.64 36.35
N SER B 116 15.25 6.65 36.41
CA SER B 116 14.46 6.37 37.60
C SER B 116 13.96 4.93 37.56
N ARG B 117 13.70 4.40 38.75
CA ARG B 117 13.09 3.09 38.91
C ARG B 117 11.64 3.28 39.35
N TYR B 118 10.74 2.47 38.76
CA TYR B 118 9.32 2.74 38.91
C TYR B 118 8.91 2.79 40.37
N SER B 119 8.24 3.87 40.73
CA SER B 119 7.57 3.97 42.01
C SER B 119 6.39 4.91 41.86
N PRO B 120 5.17 4.49 42.19
CA PRO B 120 4.01 5.33 41.96
C PRO B 120 3.81 6.35 43.07
N LEU B 121 3.31 7.51 42.69
CA LEU B 121 2.71 8.41 43.65
C LEU B 121 1.45 7.74 44.20
N LYS B 122 1.42 7.57 45.52
CA LYS B 122 0.37 6.79 46.18
C LYS B 122 -0.44 7.69 47.09
N SER C 2 7.47 0.16 -31.04
CA SER C 2 6.39 -0.82 -30.97
C SER C 2 5.17 -0.34 -31.77
N ASP C 3 4.24 -1.24 -32.03
CA ASP C 3 3.03 -0.85 -32.77
C ASP C 3 2.10 -0.02 -31.89
N TRP C 4 2.08 -0.27 -30.58
CA TRP C 4 1.35 0.60 -29.67
C TRP C 4 1.96 0.48 -28.28
N SER C 5 2.18 1.61 -27.65
CA SER C 5 2.53 1.66 -26.24
C SER C 5 1.75 2.80 -25.59
N GLY C 6 1.29 2.57 -24.37
CA GLY C 6 0.55 3.59 -23.67
C GLY C 6 0.08 3.07 -22.34
N SER C 7 -0.85 3.83 -21.75
CA SER C 7 -1.34 3.55 -20.41
C SER C 7 -2.72 2.92 -20.48
N VAL C 8 -2.96 1.95 -19.61
CA VAL C 8 -4.26 1.31 -19.47
C VAL C 8 -4.80 1.66 -18.09
N PRO C 9 -5.75 2.59 -17.98
CA PRO C 9 -6.24 2.97 -16.65
C PRO C 9 -7.12 1.89 -16.04
N ALA C 10 -6.96 1.71 -14.73
CA ALA C 10 -7.77 0.73 -14.01
C ALA C 10 -9.23 1.14 -13.94
N ASN C 11 -9.52 2.44 -13.98
CA ASN C 11 -10.88 2.93 -13.82
C ASN C 11 -11.63 3.05 -15.14
N ALA C 12 -11.03 2.63 -16.25
CA ALA C 12 -11.66 2.71 -17.57
C ALA C 12 -12.50 1.44 -17.77
N GLU C 13 -13.82 1.58 -17.62
CA GLU C 13 -14.69 0.42 -17.72
C GLU C 13 -14.72 -0.15 -19.14
N ASN C 14 -14.46 0.67 -20.15
CA ASN C 14 -14.41 0.21 -21.53
C ASN C 14 -12.99 0.06 -22.05
N GLY C 15 -12.00 0.09 -21.18
CA GLY C 15 -10.62 -0.20 -21.55
C GLY C 15 -9.97 0.92 -22.34
N LYS C 16 -8.88 0.56 -23.01
CA LYS C 16 -8.09 1.48 -23.80
C LYS C 16 -7.87 0.87 -25.18
N SER C 17 -8.30 1.58 -26.21
CA SER C 17 -8.05 1.13 -27.58
C SER C 17 -6.58 1.31 -27.93
N THR C 18 -6.02 0.30 -28.60
CA THR C 18 -4.70 0.43 -29.17
C THR C 18 -4.72 1.00 -30.59
N GLY C 19 -5.89 0.99 -31.23
CA GLY C 19 -6.00 1.35 -32.63
C GLY C 19 -5.54 0.29 -33.59
N LEU C 20 -5.16 -0.89 -33.10
CA LEU C 20 -4.59 -1.94 -33.94
C LEU C 20 -5.68 -2.90 -34.40
N ILE C 21 -5.77 -3.10 -35.71
CA ILE C 21 -6.70 -4.06 -36.30
C ILE C 21 -5.96 -5.37 -36.51
N LEU C 22 -6.38 -6.39 -35.77
CA LEU C 22 -5.77 -7.71 -35.87
C LEU C 22 -6.62 -8.60 -36.77
N LYS C 23 -5.96 -9.49 -37.48
CA LYS C 23 -6.61 -10.48 -38.32
C LYS C 23 -6.29 -11.87 -37.81
N GLN C 24 -7.23 -12.80 -38.00
CA GLN C 24 -6.95 -14.20 -37.78
C GLN C 24 -5.58 -14.56 -38.36
N GLY C 25 -4.71 -15.11 -37.52
CA GLY C 25 -3.42 -15.58 -37.96
C GLY C 25 -2.26 -14.62 -37.71
N ASP C 26 -2.55 -13.34 -37.46
CA ASP C 26 -1.50 -12.44 -36.98
C ASP C 26 -0.92 -13.00 -35.68
N THR C 27 0.29 -12.54 -35.36
CA THR C 27 0.90 -12.87 -34.06
C THR C 27 1.29 -11.57 -33.36
N ILE C 28 1.12 -11.55 -32.03
CA ILE C 28 1.37 -10.36 -31.24
C ILE C 28 2.15 -10.72 -29.98
N SER C 29 2.84 -9.70 -29.46
CA SER C 29 3.52 -9.77 -28.19
C SER C 29 3.10 -8.55 -27.37
N VAL C 30 2.94 -8.77 -26.06
CA VAL C 30 2.53 -7.72 -25.12
C VAL C 30 3.32 -7.89 -23.84
N VAL C 31 3.80 -6.78 -23.28
CA VAL C 31 4.34 -6.75 -21.92
C VAL C 31 3.68 -5.60 -21.17
N ALA C 32 3.39 -5.82 -19.90
CA ALA C 32 2.65 -4.88 -19.09
C ALA C 32 3.36 -4.69 -17.75
N HIS C 33 3.57 -3.43 -17.36
CA HIS C 33 4.27 -3.07 -16.15
C HIS C 33 3.34 -2.25 -15.24
N GLY C 34 3.64 -2.29 -13.94
CA GLY C 34 3.08 -1.34 -13.01
C GLY C 34 2.01 -1.93 -12.12
N TRP C 35 1.30 -1.02 -11.47
CA TRP C 35 0.43 -1.36 -10.36
C TRP C 35 -0.81 -0.48 -10.39
N VAL C 36 -1.95 -1.07 -10.05
CA VAL C 36 -3.20 -0.33 -9.91
C VAL C 36 -3.89 -0.80 -8.63
N LYS C 37 -4.88 -0.01 -8.22
CA LYS C 37 -5.80 -0.39 -7.17
C LYS C 37 -7.15 -0.69 -7.80
N TYR C 38 -7.74 -1.82 -7.43
CA TYR C 38 -9.10 -2.15 -7.84
C TYR C 38 -10.10 -1.93 -6.70
N GLY C 39 -9.65 -1.33 -5.60
CA GLY C 39 -10.51 -0.96 -4.49
C GLY C 39 -9.76 -0.05 -3.56
N ARG C 40 -10.47 0.47 -2.56
CA ARG C 40 -9.90 1.49 -1.68
C ARG C 40 -9.09 0.92 -0.53
N ASP C 41 -9.23 -0.36 -0.22
CA ASP C 41 -8.51 -0.94 0.91
C ASP C 41 -7.02 -1.11 0.59
N ASN C 42 -6.22 -1.16 1.65
CA ASN C 42 -4.76 -1.23 1.51
C ASN C 42 -4.32 -2.48 0.76
N VAL C 43 -5.12 -3.54 0.77
CA VAL C 43 -4.71 -4.81 0.15
C VAL C 43 -5.14 -4.93 -1.31
N GLU C 44 -5.93 -4.00 -1.82
CA GLU C 44 -6.57 -4.16 -3.11
C GLU C 44 -5.69 -3.64 -4.25
N TRP C 45 -4.47 -4.19 -4.29
CA TRP C 45 -3.52 -3.94 -5.36
C TRP C 45 -3.57 -5.05 -6.41
N ALA C 46 -3.28 -4.69 -7.64
CA ALA C 46 -3.18 -5.65 -8.72
C ALA C 46 -2.01 -5.31 -9.62
N ALA C 47 -1.28 -6.33 -10.02
CA ALA C 47 -0.40 -6.27 -11.17
C ALA C 47 -1.19 -6.63 -12.41
N PRO C 48 -0.62 -6.49 -13.60
CA PRO C 48 -1.36 -6.93 -14.80
C PRO C 48 -1.83 -8.37 -14.68
N ASP C 49 -1.01 -9.24 -14.07
CA ASP C 49 -1.39 -10.64 -13.86
C ASP C 49 -2.60 -10.79 -12.96
N GLY C 50 -2.96 -9.76 -12.19
CA GLY C 50 -4.12 -9.83 -11.33
C GLY C 50 -3.89 -9.36 -9.92
N PRO C 51 -4.89 -9.55 -9.07
CA PRO C 51 -4.76 -9.14 -7.66
C PRO C 51 -3.63 -9.88 -6.96
N VAL C 52 -3.01 -9.18 -6.01
CA VAL C 52 -2.08 -9.82 -5.08
C VAL C 52 -2.83 -10.99 -4.46
N PRO C 53 -2.23 -12.19 -4.37
CA PRO C 53 -3.00 -13.37 -3.97
C PRO C 53 -3.51 -13.38 -2.53
N ASN C 54 -3.11 -12.42 -1.69
CA ASN C 54 -3.68 -12.37 -0.34
C ASN C 54 -5.05 -11.73 -0.32
N ASN C 55 -5.64 -11.46 -1.48
CA ASN C 55 -7.00 -10.92 -1.58
C ASN C 55 -7.54 -11.31 -2.95
N PRO C 56 -7.69 -12.61 -3.22
CA PRO C 56 -7.99 -13.04 -4.59
C PRO C 56 -9.42 -12.73 -4.99
N GLN C 57 -9.61 -12.59 -6.30
CA GLN C 57 -10.89 -12.30 -6.91
C GLN C 57 -11.24 -13.42 -7.88
N PRO C 58 -12.45 -13.45 -8.45
CA PRO C 58 -12.79 -14.49 -9.42
C PRO C 58 -11.85 -14.50 -10.62
N SER C 59 -11.86 -15.62 -11.33
CA SER C 59 -10.95 -15.83 -12.45
C SER C 59 -11.08 -14.70 -13.48
N SER C 60 -9.93 -14.14 -13.84
CA SER C 60 -9.76 -13.10 -14.84
C SER C 60 -10.17 -11.73 -14.31
N ILE C 61 -10.80 -11.64 -13.14
CA ILE C 61 -11.23 -10.34 -12.63
C ILE C 61 -10.03 -9.56 -12.12
N ALA C 62 -10.02 -8.27 -12.41
CA ALA C 62 -8.95 -7.38 -11.98
C ALA C 62 -7.60 -7.82 -12.53
N THR C 63 -7.62 -8.38 -13.75
CA THR C 63 -6.42 -8.70 -14.51
C THR C 63 -6.47 -7.92 -15.82
N LEU C 64 -5.30 -7.75 -16.43
CA LEU C 64 -5.23 -7.14 -17.75
C LEU C 64 -5.61 -8.15 -18.81
N VAL C 65 -6.60 -7.81 -19.64
CA VAL C 65 -7.04 -8.68 -20.72
C VAL C 65 -7.05 -7.90 -22.03
N ALA C 66 -7.09 -8.65 -23.12
CA ALA C 66 -7.32 -8.09 -24.44
C ALA C 66 -8.75 -8.38 -24.85
N LYS C 67 -9.42 -7.36 -25.39
CA LYS C 67 -10.74 -7.51 -25.98
C LYS C 67 -10.62 -7.34 -27.48
N ILE C 68 -11.03 -8.37 -28.22
CA ILE C 68 -11.00 -8.34 -29.69
C ILE C 68 -12.37 -8.83 -30.16
N ALA C 69 -13.09 -7.96 -30.86
CA ALA C 69 -14.40 -8.30 -31.39
C ALA C 69 -15.32 -8.78 -30.26
N ASN C 70 -15.20 -8.13 -29.10
CA ASN C 70 -15.99 -8.42 -27.90
C ASN C 70 -15.65 -9.76 -27.27
N LYS C 71 -14.57 -10.41 -27.68
CA LYS C 71 -14.09 -11.61 -27.00
C LYS C 71 -12.87 -11.26 -26.17
N LYS C 72 -12.75 -11.94 -25.02
CA LYS C 72 -11.71 -11.63 -24.05
C LYS C 72 -10.63 -12.70 -24.09
N PHE C 73 -9.37 -12.25 -24.11
CA PHE C 73 -8.21 -13.13 -24.12
C PHE C 73 -7.27 -12.70 -23.00
N ALA C 74 -6.64 -13.68 -22.36
CA ALA C 74 -5.74 -13.39 -21.25
C ALA C 74 -4.47 -12.72 -21.76
N ILE C 75 -4.00 -11.72 -21.01
CA ILE C 75 -2.74 -11.04 -21.29
C ILE C 75 -1.90 -11.03 -20.02
N GLY C 76 -2.43 -10.42 -18.96
CA GLY C 76 -1.67 -10.34 -17.73
C GLY C 76 -0.39 -9.55 -17.93
N ASN C 77 0.69 -10.01 -17.28
CA ASN C 77 1.99 -9.35 -17.42
C ASN C 77 2.51 -9.39 -18.85
N GLY C 78 2.03 -10.30 -19.68
CA GLY C 78 2.40 -10.28 -21.08
C GLY C 78 2.23 -11.63 -21.75
N VAL C 79 2.41 -11.60 -23.08
CA VAL C 79 2.41 -12.79 -23.92
C VAL C 79 3.44 -12.57 -25.01
N LEU C 80 3.96 -13.68 -25.55
CA LEU C 80 4.99 -13.63 -26.58
C LEU C 80 4.53 -14.40 -27.81
N HIS C 81 4.51 -13.72 -28.96
CA HIS C 81 4.23 -14.33 -30.26
C HIS C 81 3.05 -15.29 -30.19
N LYS C 82 1.91 -14.76 -29.75
CA LYS C 82 0.67 -15.53 -29.72
C LYS C 82 -0.10 -15.30 -31.01
N THR C 83 -0.68 -16.38 -31.53
CA THR C 83 -1.48 -16.29 -32.74
C THR C 83 -2.87 -15.78 -32.40
N VAL C 84 -3.30 -14.73 -33.09
CA VAL C 84 -4.63 -14.18 -32.86
C VAL C 84 -5.67 -15.08 -33.55
N PRO C 85 -6.70 -15.54 -32.85
CA PRO C 85 -7.66 -16.46 -33.46
C PRO C 85 -8.86 -15.80 -34.11
N VAL C 86 -9.06 -14.50 -33.94
CA VAL C 86 -10.25 -13.80 -34.42
C VAL C 86 -9.86 -12.41 -34.90
N ASP C 87 -10.67 -11.89 -35.81
CA ASP C 87 -10.47 -10.55 -36.35
C ASP C 87 -11.10 -9.51 -35.44
N GLY C 88 -10.46 -8.34 -35.37
CA GLY C 88 -11.04 -7.23 -34.63
C GLY C 88 -10.00 -6.25 -34.15
N GLU C 89 -10.49 -5.13 -33.61
CA GLU C 89 -9.64 -4.13 -32.99
C GLU C 89 -9.20 -4.58 -31.61
N LEU C 90 -7.93 -4.33 -31.29
CA LEU C 90 -7.37 -4.72 -30.00
C LEU C 90 -7.67 -3.65 -28.95
N ILE C 91 -8.50 -4.00 -27.98
CA ILE C 91 -8.78 -3.16 -26.82
C ILE C 91 -8.09 -3.79 -25.61
N LEU C 92 -7.39 -2.98 -24.83
CA LEU C 92 -6.78 -3.44 -23.59
C LEU C 92 -7.63 -2.98 -22.42
N LEU C 93 -7.92 -3.90 -21.51
CA LEU C 93 -8.93 -3.66 -20.48
C LEU C 93 -8.47 -4.21 -19.14
N PHE C 94 -8.57 -3.38 -18.10
CA PHE C 94 -8.51 -3.88 -16.73
C PHE C 94 -9.87 -4.50 -16.41
N ASN C 95 -9.90 -5.82 -16.27
CA ASN C 95 -11.15 -6.59 -16.30
C ASN C 95 -11.80 -6.66 -14.91
N ASP C 96 -12.17 -5.50 -14.40
CA ASP C 96 -12.89 -5.43 -13.13
C ASP C 96 -14.36 -5.81 -13.34
N VAL C 97 -15.05 -6.07 -12.24
CA VAL C 97 -16.48 -6.42 -12.32
C VAL C 97 -17.25 -5.20 -12.83
N PRO C 98 -18.15 -5.37 -13.80
CA PRO C 98 -18.94 -4.23 -14.26
C PRO C 98 -19.58 -3.48 -13.10
N GLY C 99 -19.50 -2.15 -13.15
CA GLY C 99 -20.08 -1.31 -12.14
C GLY C 99 -19.20 -1.04 -10.94
N THR C 100 -18.03 -1.66 -10.85
CA THR C 100 -17.14 -1.48 -9.71
C THR C 100 -15.84 -0.77 -10.09
N PHE C 101 -15.81 -0.07 -11.23
CA PHE C 101 -14.60 0.63 -11.64
C PHE C 101 -14.39 1.95 -10.92
N GLY C 102 -15.39 2.47 -10.21
CA GLY C 102 -15.31 3.78 -9.62
C GLY C 102 -14.30 3.90 -8.50
N ASP C 103 -13.96 2.80 -7.84
CA ASP C 103 -13.00 2.82 -6.74
C ASP C 103 -11.61 2.38 -7.18
N ASN C 104 -11.34 2.44 -8.48
CA ASN C 104 -10.08 2.05 -9.06
C ASN C 104 -9.19 3.27 -9.27
N SER C 105 -7.88 3.06 -9.19
CA SER C 105 -6.94 4.13 -9.43
C SER C 105 -5.67 3.55 -10.02
N GLY C 106 -4.91 4.40 -10.70
CA GLY C 106 -3.66 4.00 -11.30
C GLY C 106 -3.83 3.44 -12.71
N GLU C 107 -2.69 3.17 -13.34
CA GLU C 107 -2.70 2.65 -14.69
C GLU C 107 -1.48 1.76 -14.88
N PHE C 108 -1.61 0.81 -15.80
CA PHE C 108 -0.47 0.01 -16.26
C PHE C 108 0.20 0.69 -17.45
N GLN C 109 1.50 0.42 -17.60
CA GLN C 109 2.24 0.80 -18.79
C GLN C 109 2.40 -0.44 -19.66
N VAL C 110 1.94 -0.36 -20.90
CA VAL C 110 1.79 -1.53 -21.75
C VAL C 110 2.41 -1.26 -23.11
N GLU C 111 3.09 -2.27 -23.64
CA GLU C 111 3.66 -2.24 -24.99
C GLU C 111 3.10 -3.41 -25.77
N VAL C 112 2.63 -3.13 -26.99
CA VAL C 112 2.10 -4.14 -27.90
C VAL C 112 2.93 -4.12 -29.19
N ILE C 113 3.33 -5.30 -29.65
CA ILE C 113 3.99 -5.45 -30.94
C ILE C 113 3.22 -6.46 -31.77
N ILE C 114 2.85 -6.08 -32.98
CA ILE C 114 2.35 -7.05 -33.95
C ILE C 114 3.59 -7.69 -34.57
N GLU C 115 3.89 -8.93 -34.14
CA GLU C 115 5.09 -9.61 -34.60
C GLU C 115 5.00 -10.00 -36.06
N SER C 116 3.80 -10.33 -36.56
CA SER C 116 3.65 -10.67 -37.97
C SER C 116 2.19 -10.56 -38.36
N ARG C 117 1.98 -10.37 -39.66
CA ARG C 117 0.65 -10.35 -40.27
C ARG C 117 0.45 -11.63 -41.06
N TYR C 118 -0.76 -12.19 -40.98
CA TYR C 118 -1.00 -13.51 -41.52
C TYR C 118 -0.64 -13.58 -43.00
N SER C 119 0.15 -14.58 -43.34
CA SER C 119 0.49 -14.91 -44.71
C SER C 119 0.98 -16.36 -44.72
N PRO C 120 0.25 -17.30 -45.31
CA PRO C 120 0.66 -18.71 -45.26
C PRO C 120 1.65 -19.04 -46.37
N LEU C 121 2.47 -20.06 -46.10
CA LEU C 121 3.19 -20.70 -47.19
C LEU C 121 2.18 -21.22 -48.20
N LYS C 122 2.49 -21.04 -49.47
CA LYS C 122 1.54 -21.33 -50.54
C LYS C 122 2.26 -21.97 -51.71
N SER D 2 -20.10 -30.63 7.02
CA SER D 2 -20.34 -29.20 7.16
C SER D 2 -19.10 -28.39 6.82
N ASP D 3 -19.30 -27.15 6.39
CA ASP D 3 -18.18 -26.21 6.29
C ASP D 3 -17.62 -25.91 7.67
N TRP D 4 -18.47 -25.90 8.69
CA TRP D 4 -18.03 -25.70 10.07
C TRP D 4 -19.03 -26.36 10.99
N SER D 5 -18.53 -27.10 11.98
CA SER D 5 -19.35 -27.59 13.06
C SER D 5 -18.63 -27.37 14.39
N GLY D 6 -19.38 -27.00 15.40
CA GLY D 6 -18.75 -26.70 16.68
C GLY D 6 -19.77 -26.27 17.70
N SER D 7 -19.26 -25.96 18.89
CA SER D 7 -20.10 -25.53 19.99
C SER D 7 -20.13 -24.01 20.07
N VAL D 8 -21.24 -23.49 20.56
CA VAL D 8 -21.41 -22.06 20.81
C VAL D 8 -21.76 -21.90 22.29
N PRO D 9 -20.77 -21.54 23.13
CA PRO D 9 -21.05 -21.41 24.56
C PRO D 9 -21.94 -20.22 24.85
N ALA D 10 -22.91 -20.44 25.75
CA ALA D 10 -23.80 -19.35 26.12
C ALA D 10 -23.10 -18.25 26.93
N ASN D 11 -21.98 -18.55 27.58
CA ASN D 11 -21.29 -17.57 28.42
C ASN D 11 -20.23 -16.78 27.66
N ALA D 12 -20.13 -16.94 26.35
CA ALA D 12 -19.12 -16.24 25.55
C ALA D 12 -19.71 -14.93 25.05
N GLU D 13 -19.34 -13.82 25.70
CA GLU D 13 -19.89 -12.52 25.31
C GLU D 13 -19.48 -12.14 23.90
N ASN D 14 -18.32 -12.62 23.43
CA ASN D 14 -17.86 -12.32 22.09
C ASN D 14 -18.21 -13.43 21.10
N GLY D 15 -18.95 -14.44 21.52
CA GLY D 15 -19.41 -15.46 20.61
C GLY D 15 -18.30 -16.43 20.23
N LYS D 16 -18.60 -17.22 19.20
CA LYS D 16 -17.69 -18.24 18.69
C LYS D 16 -17.34 -17.90 17.26
N SER D 17 -16.06 -17.66 17.00
CA SER D 17 -15.58 -17.41 15.65
C SER D 17 -15.48 -18.73 14.90
N THR D 18 -16.11 -18.80 13.73
CA THR D 18 -16.12 -20.03 12.94
C THR D 18 -14.97 -20.12 11.96
N GLY D 19 -14.25 -19.02 11.72
CA GLY D 19 -13.24 -19.00 10.68
C GLY D 19 -13.78 -18.94 9.27
N LEU D 20 -15.09 -18.99 9.08
CA LEU D 20 -15.68 -18.89 7.75
C LEU D 20 -15.76 -17.42 7.36
N ILE D 21 -15.12 -17.06 6.26
CA ILE D 21 -15.11 -15.70 5.76
C ILE D 21 -16.16 -15.61 4.65
N LEU D 22 -17.23 -14.88 4.92
CA LEU D 22 -18.34 -14.77 3.99
C LEU D 22 -18.23 -13.50 3.17
N LYS D 23 -18.78 -13.54 1.97
CA LYS D 23 -18.89 -12.39 1.10
C LYS D 23 -20.35 -12.13 0.81
N GLN D 24 -20.66 -10.86 0.56
CA GLN D 24 -22.00 -10.47 0.14
C GLN D 24 -22.43 -11.29 -1.07
N GLY D 25 -23.58 -11.94 -0.96
CA GLY D 25 -24.11 -12.77 -2.02
C GLY D 25 -23.87 -14.26 -1.86
N ASP D 26 -22.96 -14.66 -0.99
CA ASP D 26 -22.92 -16.06 -0.58
C ASP D 26 -24.27 -16.45 0.01
N THR D 27 -24.54 -17.76 0.02
CA THR D 27 -25.69 -18.29 0.73
C THR D 27 -25.21 -19.32 1.73
N ILE D 28 -25.92 -19.42 2.86
CA ILE D 28 -25.53 -20.32 3.94
C ILE D 28 -26.76 -21.00 4.50
N SER D 29 -26.54 -22.17 5.11
CA SER D 29 -27.53 -22.87 5.90
C SER D 29 -26.96 -23.17 7.27
N VAL D 30 -27.81 -23.12 8.29
CA VAL D 30 -27.39 -23.38 9.67
C VAL D 30 -28.48 -24.20 10.37
N VAL D 31 -28.05 -25.16 11.19
CA VAL D 31 -28.93 -25.82 12.17
C VAL D 31 -28.23 -25.79 13.53
N ALA D 32 -29.01 -25.57 14.58
CA ALA D 32 -28.47 -25.50 15.92
C ALA D 32 -29.28 -26.38 16.86
N HIS D 33 -28.57 -27.12 17.71
CA HIS D 33 -29.17 -28.08 18.63
C HIS D 33 -28.77 -27.74 20.05
N GLY D 34 -29.62 -28.17 20.99
CA GLY D 34 -29.27 -28.16 22.39
C GLY D 34 -29.90 -27.04 23.20
N TRP D 35 -29.37 -26.89 24.41
CA TRP D 35 -29.96 -26.08 25.46
C TRP D 35 -28.89 -25.34 26.23
N VAL D 36 -29.23 -24.12 26.66
CA VAL D 36 -28.33 -23.33 27.48
C VAL D 36 -29.12 -22.63 28.57
N LYS D 37 -28.41 -22.22 29.61
CA LYS D 37 -28.95 -21.39 30.67
C LYS D 37 -28.46 -19.96 30.46
N TYR D 38 -29.38 -19.00 30.46
CA TYR D 38 -29.04 -17.59 30.43
C TYR D 38 -29.17 -16.94 31.80
N GLY D 39 -29.47 -17.73 32.83
CA GLY D 39 -29.54 -17.24 34.19
C GLY D 39 -29.59 -18.42 35.15
N ARG D 40 -29.58 -18.08 36.44
CA ARG D 40 -29.48 -19.09 37.49
C ARG D 40 -30.81 -19.75 37.81
N ASP D 41 -31.93 -19.07 37.58
CA ASP D 41 -33.23 -19.61 37.97
C ASP D 41 -33.57 -20.83 37.13
N ASN D 42 -34.41 -21.70 37.69
CA ASN D 42 -34.81 -22.94 37.04
C ASN D 42 -35.51 -22.70 35.70
N VAL D 43 -36.10 -21.51 35.51
CA VAL D 43 -36.89 -21.24 34.31
C VAL D 43 -36.05 -20.66 33.17
N GLU D 44 -34.78 -20.33 33.41
CA GLU D 44 -34.01 -19.51 32.48
C GLU D 44 -33.23 -20.40 31.49
N TRP D 45 -34.01 -21.22 30.77
CA TRP D 45 -33.52 -22.09 29.71
C TRP D 45 -33.77 -21.44 28.35
N ALA D 46 -32.87 -21.70 27.41
CA ALA D 46 -33.05 -21.24 26.05
C ALA D 46 -32.64 -22.33 25.08
N ALA D 47 -33.43 -22.49 24.03
CA ALA D 47 -33.00 -23.15 22.81
C ALA D 47 -32.39 -22.11 21.89
N PRO D 48 -31.80 -22.53 20.77
CA PRO D 48 -31.29 -21.53 19.83
C PRO D 48 -32.36 -20.52 19.43
N ASP D 49 -33.61 -20.97 19.29
CA ASP D 49 -34.70 -20.06 18.93
C ASP D 49 -34.93 -19.00 20.00
N GLY D 50 -34.51 -19.25 21.24
CA GLY D 50 -34.66 -18.27 22.29
C GLY D 50 -35.13 -18.88 23.59
N PRO D 51 -35.44 -18.01 24.55
CA PRO D 51 -35.93 -18.48 25.86
C PRO D 51 -37.19 -19.31 25.73
N VAL D 52 -37.31 -20.30 26.60
CA VAL D 52 -38.59 -21.01 26.73
C VAL D 52 -39.67 -19.99 27.04
N PRO D 53 -40.84 -20.02 26.39
CA PRO D 53 -41.77 -18.89 26.46
C PRO D 53 -42.55 -18.77 27.76
N ASN D 54 -42.26 -19.58 28.79
CA ASN D 54 -42.79 -19.30 30.11
C ASN D 54 -41.95 -18.26 30.86
N ASN D 55 -40.92 -17.71 30.22
CA ASN D 55 -40.11 -16.64 30.78
C ASN D 55 -39.45 -15.86 29.64
N PRO D 56 -40.24 -15.24 28.77
CA PRO D 56 -39.67 -14.60 27.58
C PRO D 56 -38.83 -13.38 27.95
N GLN D 57 -37.98 -13.00 27.01
CA GLN D 57 -37.06 -11.88 27.13
C GLN D 57 -37.27 -10.95 25.95
N PRO D 58 -36.70 -9.74 25.98
CA PRO D 58 -36.85 -8.83 24.85
C PRO D 58 -36.44 -9.46 23.52
N SER D 59 -36.96 -8.91 22.42
CA SER D 59 -36.77 -9.54 21.12
C SER D 59 -35.30 -9.77 20.82
N SER D 60 -34.99 -10.97 20.34
CA SER D 60 -33.65 -11.39 19.94
C SER D 60 -32.73 -11.69 21.11
N ILE D 61 -33.12 -11.30 22.33
CA ILE D 61 -32.28 -11.57 23.50
C ILE D 61 -32.27 -13.06 23.81
N ALA D 62 -31.10 -13.59 24.13
CA ALA D 62 -30.93 -15.00 24.47
C ALA D 62 -31.35 -15.91 23.32
N THR D 63 -31.06 -15.48 22.10
CA THR D 63 -31.22 -16.29 20.91
C THR D 63 -29.85 -16.47 20.26
N LEU D 64 -29.75 -17.51 19.44
CA LEU D 64 -28.57 -17.68 18.60
C LEU D 64 -28.68 -16.73 17.40
N VAL D 65 -27.67 -15.89 17.22
CA VAL D 65 -27.62 -14.99 16.09
C VAL D 65 -26.29 -15.17 15.37
N ALA D 66 -26.26 -14.68 14.13
CA ALA D 66 -25.02 -14.57 13.38
C ALA D 66 -24.53 -13.13 13.45
N LYS D 67 -23.26 -12.96 13.83
CA LYS D 67 -22.62 -11.66 13.81
C LYS D 67 -21.66 -11.63 12.62
N ILE D 68 -21.87 -10.68 11.72
CA ILE D 68 -21.01 -10.50 10.55
C ILE D 68 -20.72 -9.01 10.40
N ALA D 69 -19.46 -8.64 10.51
CA ALA D 69 -19.04 -7.24 10.44
C ALA D 69 -19.86 -6.37 11.40
N ASN D 70 -19.96 -6.83 12.65
CA ASN D 70 -20.63 -6.12 13.73
C ASN D 70 -22.14 -6.01 13.54
N LYS D 71 -22.70 -6.57 12.49
CA LYS D 71 -24.14 -6.63 12.31
C LYS D 71 -24.66 -8.00 12.72
N LYS D 72 -25.90 -8.04 13.21
CA LYS D 72 -26.50 -9.23 13.82
C LYS D 72 -27.67 -9.70 12.99
N PHE D 73 -27.72 -11.00 12.72
CA PHE D 73 -28.78 -11.62 11.94
C PHE D 73 -29.37 -12.79 12.70
N ALA D 74 -30.69 -12.92 12.63
CA ALA D 74 -31.38 -14.02 13.30
C ALA D 74 -30.99 -15.36 12.69
N ILE D 75 -30.76 -16.34 13.55
CA ILE D 75 -30.47 -17.72 13.14
C ILE D 75 -31.41 -18.63 13.89
N GLY D 76 -31.36 -18.60 15.22
CA GLY D 76 -32.23 -19.46 16.00
C GLY D 76 -31.90 -20.92 15.75
N ASN D 77 -32.95 -21.75 15.72
CA ASN D 77 -32.78 -23.17 15.48
C ASN D 77 -32.18 -23.48 14.11
N GLY D 78 -32.29 -22.55 13.16
CA GLY D 78 -31.60 -22.73 11.90
C GLY D 78 -32.21 -21.89 10.80
N VAL D 79 -31.47 -21.82 9.69
CA VAL D 79 -31.91 -21.14 8.47
C VAL D 79 -31.46 -21.97 7.29
N LEU D 80 -32.15 -21.83 6.17
CA LEU D 80 -31.82 -22.58 4.96
C LEU D 80 -31.58 -21.62 3.80
N HIS D 81 -30.39 -21.72 3.20
CA HIS D 81 -30.11 -21.08 1.92
C HIS D 81 -30.43 -19.58 1.98
N LYS D 82 -29.87 -18.90 2.98
CA LYS D 82 -30.06 -17.48 3.17
C LYS D 82 -28.90 -16.71 2.55
N THR D 83 -29.24 -15.60 1.90
CA THR D 83 -28.23 -14.76 1.27
C THR D 83 -27.56 -13.86 2.31
N VAL D 84 -26.23 -13.81 2.24
CA VAL D 84 -25.42 -13.02 3.16
C VAL D 84 -25.37 -11.58 2.65
N PRO D 85 -25.85 -10.59 3.41
CA PRO D 85 -25.90 -9.22 2.90
C PRO D 85 -24.66 -8.38 3.14
N VAL D 86 -23.65 -8.90 3.85
CA VAL D 86 -22.46 -8.14 4.18
C VAL D 86 -21.27 -9.09 4.23
N ASP D 87 -20.07 -8.52 4.07
CA ASP D 87 -18.83 -9.28 4.12
C ASP D 87 -18.32 -9.37 5.54
N GLY D 88 -17.76 -10.52 5.89
CA GLY D 88 -17.08 -10.67 7.17
C GLY D 88 -17.01 -12.12 7.60
N GLU D 89 -16.19 -12.33 8.63
CA GLU D 89 -16.16 -13.63 9.27
C GLU D 89 -17.47 -13.91 9.98
N LEU D 90 -17.95 -15.14 9.86
CA LEU D 90 -19.15 -15.55 10.58
C LEU D 90 -18.82 -15.80 12.03
N ILE D 91 -19.40 -15.01 12.93
CA ILE D 91 -19.32 -15.23 14.36
C ILE D 91 -20.71 -15.65 14.84
N LEU D 92 -20.77 -16.80 15.51
CA LEU D 92 -22.01 -17.27 16.10
C LEU D 92 -22.04 -16.83 17.56
N LEU D 93 -23.16 -16.22 17.97
CA LEU D 93 -23.26 -15.56 19.26
C LEU D 93 -24.58 -15.92 19.93
N PHE D 94 -24.50 -16.32 21.19
CA PHE D 94 -25.67 -16.34 22.06
C PHE D 94 -25.93 -14.90 22.48
N ASN D 95 -27.05 -14.34 22.02
CA ASN D 95 -27.27 -12.89 22.06
C ASN D 95 -27.91 -12.48 23.38
N ASP D 96 -27.16 -12.63 24.47
CA ASP D 96 -27.61 -12.18 25.78
C ASP D 96 -27.38 -10.67 25.91
N VAL D 97 -27.99 -10.08 26.95
CA VAL D 97 -27.81 -8.64 27.17
C VAL D 97 -26.35 -8.37 27.50
N PRO D 98 -25.73 -7.33 26.95
CA PRO D 98 -24.33 -7.05 27.29
C PRO D 98 -24.13 -6.97 28.81
N GLY D 99 -23.04 -7.57 29.29
CA GLY D 99 -22.72 -7.56 30.69
C GLY D 99 -23.47 -8.57 31.54
N THR D 100 -24.31 -9.41 30.94
CA THR D 100 -25.09 -10.39 31.69
C THR D 100 -24.73 -11.83 31.31
N PHE D 101 -23.58 -12.04 30.68
CA PHE D 101 -23.17 -13.40 30.30
C PHE D 101 -22.63 -14.20 31.47
N GLY D 102 -22.39 -13.57 32.63
CA GLY D 102 -21.71 -14.24 33.73
C GLY D 102 -22.51 -15.34 34.39
N ASP D 103 -23.85 -15.30 34.28
CA ASP D 103 -24.69 -16.34 34.85
C ASP D 103 -25.18 -17.33 33.81
N ASN D 104 -24.51 -17.42 32.66
CA ASN D 104 -24.88 -18.35 31.61
C ASN D 104 -24.05 -19.62 31.70
N SER D 105 -24.61 -20.71 31.17
CA SER D 105 -23.89 -21.97 31.11
C SER D 105 -24.45 -22.80 29.96
N GLY D 106 -23.68 -23.81 29.57
CA GLY D 106 -24.07 -24.68 28.47
C GLY D 106 -23.67 -24.13 27.12
N GLU D 107 -23.94 -24.94 26.08
CA GLU D 107 -23.56 -24.58 24.72
C GLU D 107 -24.50 -25.26 23.75
N PHE D 108 -24.72 -24.61 22.62
CA PHE D 108 -25.38 -25.21 21.47
C PHE D 108 -24.35 -25.93 20.60
N GLN D 109 -24.80 -26.98 19.92
CA GLN D 109 -24.02 -27.63 18.87
C GLN D 109 -24.58 -27.20 17.53
N VAL D 110 -23.73 -26.63 16.68
CA VAL D 110 -24.17 -25.91 15.50
C VAL D 110 -23.42 -26.40 14.28
N GLU D 111 -24.14 -26.48 13.16
CA GLU D 111 -23.59 -26.87 11.87
C GLU D 111 -23.84 -25.75 10.87
N VAL D 112 -22.81 -25.37 10.12
CA VAL D 112 -22.91 -24.32 9.12
C VAL D 112 -22.44 -24.86 7.78
N ILE D 113 -23.24 -24.65 6.74
CA ILE D 113 -22.88 -24.99 5.37
C ILE D 113 -22.93 -23.71 4.55
N ILE D 114 -21.83 -23.41 3.85
CA ILE D 114 -21.82 -22.38 2.83
C ILE D 114 -22.37 -23.03 1.57
N GLU D 115 -23.63 -22.74 1.25
CA GLU D 115 -24.31 -23.40 0.14
C GLU D 115 -23.78 -22.94 -1.20
N SER D 116 -23.29 -21.71 -1.28
CA SER D 116 -22.77 -21.21 -2.54
C SER D 116 -21.96 -19.95 -2.29
N ARG D 117 -20.93 -19.77 -3.12
CA ARG D 117 -20.12 -18.56 -3.13
C ARG D 117 -20.61 -17.66 -4.27
N TYR D 118 -20.79 -16.39 -3.94
CA TYR D 118 -21.40 -15.45 -4.87
C TYR D 118 -20.75 -15.47 -6.24
N SER D 119 -21.56 -15.62 -7.28
CA SER D 119 -21.13 -15.51 -8.66
C SER D 119 -22.36 -15.17 -9.48
N PRO D 120 -22.39 -14.02 -10.16
CA PRO D 120 -23.60 -13.65 -10.90
C PRO D 120 -23.65 -14.29 -12.27
N LEU D 121 -24.88 -14.54 -12.71
CA LEU D 121 -25.16 -14.77 -14.12
C LEU D 121 -24.83 -13.49 -14.89
N LYS D 122 -24.04 -13.63 -15.96
CA LYS D 122 -23.65 -12.45 -16.76
C LYS D 122 -23.90 -12.67 -18.25
N SER E 2 -11.35 29.55 4.09
CA SER E 2 -11.68 28.19 4.45
C SER E 2 -12.49 27.48 3.36
N ASP E 3 -12.30 26.16 3.23
CA ASP E 3 -13.23 25.32 2.50
C ASP E 3 -14.49 25.04 3.29
N TRP E 4 -14.43 25.13 4.62
CA TRP E 4 -15.62 25.06 5.45
C TRP E 4 -15.34 25.84 6.73
N SER E 5 -16.28 26.70 7.10
CA SER E 5 -16.26 27.32 8.42
C SER E 5 -17.67 27.24 8.99
N GLY E 6 -17.73 27.12 10.31
CA GLY E 6 -19.02 26.96 10.96
C GLY E 6 -18.84 26.66 12.43
N SER E 7 -19.98 26.56 13.10
CA SER E 7 -19.99 26.33 14.54
C SER E 7 -20.08 24.84 14.83
N VAL E 8 -19.54 24.45 15.97
CA VAL E 8 -19.67 23.10 16.49
C VAL E 8 -20.30 23.20 17.88
N PRO E 9 -21.61 22.97 17.99
CA PRO E 9 -22.27 23.09 19.29
C PRO E 9 -21.81 22.01 20.26
N ALA E 10 -21.57 22.42 21.50
CA ALA E 10 -21.16 21.46 22.52
C ALA E 10 -22.26 20.45 22.82
N ASN E 11 -23.53 20.82 22.63
CA ASN E 11 -24.63 19.92 22.99
C ASN E 11 -25.07 19.00 21.85
N ALA E 12 -24.37 19.02 20.71
CA ALA E 12 -24.74 18.20 19.55
C ALA E 12 -24.07 16.83 19.69
N GLU E 13 -24.85 15.81 20.07
CA GLU E 13 -24.29 14.49 20.32
C GLU E 13 -23.73 13.85 19.05
N ASN E 14 -24.27 14.19 17.89
CA ASN E 14 -23.74 13.67 16.63
C ASN E 14 -22.87 14.67 15.91
N GLY E 15 -22.53 15.79 16.55
CA GLY E 15 -21.58 16.72 15.98
C GLY E 15 -22.19 17.53 14.84
N LYS E 16 -21.28 18.06 14.03
CA LYS E 16 -21.64 18.94 12.92
C LYS E 16 -21.01 18.36 11.65
N SER E 17 -21.86 17.99 10.70
CA SER E 17 -21.38 17.51 9.40
C SER E 17 -20.92 18.71 8.58
N THR E 18 -19.74 18.59 7.97
CA THR E 18 -19.17 19.69 7.20
C THR E 18 -19.47 19.60 5.72
N GLY E 19 -19.94 18.46 5.23
CA GLY E 19 -20.10 18.27 3.82
C GLY E 19 -18.82 18.06 3.05
N LEU E 20 -17.66 18.13 3.70
CA LEU E 20 -16.39 17.89 3.03
C LEU E 20 -16.16 16.39 2.94
N ILE E 21 -16.00 15.90 1.72
CA ILE E 21 -15.81 14.47 1.47
C ILE E 21 -14.32 14.25 1.30
N LEU E 22 -13.70 13.65 2.31
CA LEU E 22 -12.26 13.46 2.33
C LEU E 22 -11.90 12.08 1.79
N LYS E 23 -10.73 12.00 1.17
CA LYS E 23 -10.17 10.75 0.67
C LYS E 23 -8.83 10.50 1.33
N GLN E 24 -8.50 9.23 1.51
CA GLN E 24 -7.18 8.86 1.99
C GLN E 24 -6.11 9.55 1.15
N GLY E 25 -5.14 10.15 1.82
CA GLY E 25 -4.06 10.84 1.17
C GLY E 25 -4.26 12.34 1.06
N ASP E 26 -5.51 12.82 1.11
CA ASP E 26 -5.73 14.25 1.26
C ASP E 26 -5.01 14.73 2.53
N THR E 27 -4.69 16.02 2.55
CA THR E 27 -4.21 16.66 3.76
C THR E 27 -5.14 17.81 4.12
N ILE E 28 -5.31 18.03 5.43
CA ILE E 28 -6.21 19.08 5.92
C ILE E 28 -5.54 19.87 7.03
N SER E 29 -6.03 21.10 7.22
CA SER E 29 -5.70 21.93 8.36
C SER E 29 -6.99 22.41 9.01
N VAL E 30 -6.95 22.56 10.33
CA VAL E 30 -8.12 22.97 11.12
C VAL E 30 -7.66 23.91 12.22
N VAL E 31 -8.44 24.95 12.48
CA VAL E 31 -8.28 25.77 13.68
C VAL E 31 -9.65 25.95 14.31
N ALA E 32 -9.68 25.97 15.64
CA ALA E 32 -10.94 26.05 16.36
C ALA E 32 -10.80 27.08 17.47
N HIS E 33 -11.82 27.93 17.59
CA HIS E 33 -11.82 29.02 18.55
C HIS E 33 -13.02 28.93 19.48
N GLY E 34 -12.88 29.52 20.65
CA GLY E 34 -14.01 29.76 21.53
C GLY E 34 -14.06 28.82 22.73
N TRP E 35 -15.22 28.81 23.35
CA TRP E 35 -15.42 28.20 24.66
C TRP E 35 -16.79 27.55 24.74
N VAL E 36 -16.84 26.43 25.45
CA VAL E 36 -18.10 25.75 25.72
C VAL E 36 -18.11 25.27 27.17
N LYS E 37 -19.31 24.99 27.65
CA LYS E 37 -19.48 24.29 28.92
C LYS E 37 -19.82 22.84 28.61
N TYR E 38 -19.14 21.92 29.30
CA TYR E 38 -19.51 20.51 29.25
C TYR E 38 -20.24 20.08 30.50
N GLY E 39 -20.54 21.02 31.40
CA GLY E 39 -21.37 20.77 32.56
C GLY E 39 -21.88 22.08 33.12
N ARG E 40 -22.70 21.99 34.16
CA ARG E 40 -23.34 23.19 34.69
C ARG E 40 -22.52 23.93 35.74
N ASP E 41 -21.50 23.30 36.32
CA ASP E 41 -20.72 23.97 37.35
C ASP E 41 -19.82 25.04 36.73
N ASN E 42 -19.43 26.01 37.57
CA ASN E 42 -18.66 27.15 37.09
C ASN E 42 -17.31 26.74 36.50
N VAL E 43 -16.76 25.59 36.90
CA VAL E 43 -15.44 25.18 36.43
C VAL E 43 -15.47 24.32 35.17
N GLU E 44 -16.65 23.92 34.71
CA GLU E 44 -16.78 22.94 33.63
C GLU E 44 -16.75 23.62 32.26
N TRP E 45 -15.63 24.29 32.00
CA TRP E 45 -15.38 24.95 30.73
C TRP E 45 -14.39 24.13 29.92
N ALA E 46 -14.52 24.20 28.60
CA ALA E 46 -13.58 23.53 27.71
C ALA E 46 -13.22 24.44 26.56
N ALA E 47 -11.93 24.47 26.24
CA ALA E 47 -11.45 24.92 24.94
C ALA E 47 -11.45 23.74 23.99
N PRO E 48 -11.28 23.97 22.68
CA PRO E 48 -11.21 22.82 21.77
C PRO E 48 -10.19 21.78 22.23
N ASP E 49 -9.06 22.23 22.77
CA ASP E 49 -8.07 21.30 23.30
C ASP E 49 -8.60 20.45 24.44
N GLY E 50 -9.63 20.91 25.15
CA GLY E 50 -10.25 20.12 26.18
C GLY E 50 -10.58 20.90 27.45
N PRO E 51 -11.00 20.19 28.49
CA PRO E 51 -11.35 20.86 29.76
C PRO E 51 -10.21 21.69 30.31
N VAL E 52 -10.56 22.80 30.94
CA VAL E 52 -9.60 23.59 31.72
C VAL E 52 -8.98 22.64 32.73
N PRO E 53 -7.66 22.63 32.91
CA PRO E 53 -7.03 21.53 33.64
C PRO E 53 -7.22 21.54 35.15
N ASN E 54 -7.92 22.53 35.71
CA ASN E 54 -8.29 22.47 37.12
C ASN E 54 -9.48 21.55 37.36
N ASN E 55 -10.01 20.92 36.31
CA ASN E 55 -11.14 20.00 36.42
C ASN E 55 -11.04 18.99 35.28
N PRO E 56 -10.01 18.15 35.31
CA PRO E 56 -9.74 17.29 34.16
C PRO E 56 -10.77 16.17 34.00
N GLN E 57 -10.91 15.74 32.75
CA GLN E 57 -11.80 14.64 32.37
C GLN E 57 -10.97 13.57 31.68
N PRO E 58 -11.51 12.39 31.42
CA PRO E 58 -10.69 11.32 30.86
C PRO E 58 -10.17 11.66 29.47
N SER E 59 -9.20 10.86 29.04
CA SER E 59 -8.54 11.06 27.76
C SER E 59 -9.55 11.20 26.63
N SER E 60 -9.43 12.30 25.89
CA SER E 60 -10.18 12.63 24.68
C SER E 60 -11.57 13.17 24.99
N ILE E 61 -12.02 13.13 26.24
CA ILE E 61 -13.37 13.58 26.57
C ILE E 61 -13.41 15.09 26.63
N ALA E 62 -14.50 15.66 26.12
CA ALA E 62 -14.73 17.11 26.14
C ALA E 62 -13.65 17.84 25.34
N THR E 63 -13.21 17.20 24.26
CA THR E 63 -12.30 17.79 23.29
C THR E 63 -12.97 17.83 21.93
N LEU E 64 -12.47 18.71 21.07
CA LEU E 64 -12.89 18.72 19.68
C LEU E 64 -12.16 17.63 18.90
N VAL E 65 -12.93 16.77 18.25
CA VAL E 65 -12.37 15.68 17.45
C VAL E 65 -12.99 15.72 16.06
N ALA E 66 -12.37 14.98 15.16
CA ALA E 66 -12.89 14.74 13.82
C ALA E 66 -13.33 13.29 13.72
N LYS E 67 -14.53 13.08 13.20
CA LYS E 67 -15.00 11.74 12.84
C LYS E 67 -14.96 11.61 11.32
N ILE E 68 -14.28 10.58 10.84
CA ILE E 68 -14.28 10.23 9.43
C ILE E 68 -14.56 8.75 9.33
N ALA E 69 -15.66 8.38 8.68
CA ALA E 69 -16.12 7.00 8.62
C ALA E 69 -16.14 6.40 10.03
N ASN E 70 -16.74 7.14 10.95
CA ASN E 70 -16.90 6.74 12.34
C ASN E 70 -15.60 6.86 13.14
N LYS E 71 -14.47 6.50 12.54
CA LYS E 71 -13.18 6.62 13.23
C LYS E 71 -12.97 8.04 13.72
N LYS E 72 -12.34 8.17 14.89
CA LYS E 72 -12.18 9.44 15.58
C LYS E 72 -10.72 9.88 15.60
N PHE E 73 -10.49 11.17 15.36
CA PHE E 73 -9.15 11.75 15.32
C PHE E 73 -9.11 13.02 16.16
N ALA E 74 -8.00 13.19 16.87
CA ALA E 74 -7.79 14.39 17.66
C ALA E 74 -7.65 15.61 16.77
N ILE E 75 -8.23 16.73 17.20
CA ILE E 75 -8.11 18.01 16.51
C ILE E 75 -7.75 19.06 17.55
N GLY E 76 -8.58 19.19 18.59
CA GLY E 76 -8.32 20.20 19.60
C GLY E 76 -8.32 21.59 19.00
N ASN E 77 -7.40 22.42 19.48
CA ASN E 77 -7.30 23.80 18.98
C ASN E 77 -6.96 23.86 17.50
N GLY E 78 -6.37 22.80 16.95
CA GLY E 78 -6.14 22.76 15.53
C GLY E 78 -5.04 21.79 15.16
N VAL E 79 -4.94 21.57 13.85
CA VAL E 79 -3.88 20.75 13.26
C VAL E 79 -3.50 21.37 11.93
N LEU E 80 -2.27 21.14 11.51
CA LEU E 80 -1.75 21.72 10.28
C LEU E 80 -1.29 20.61 9.34
N HIS E 81 -1.84 20.62 8.12
CA HIS E 81 -1.35 19.79 7.02
C HIS E 81 -1.19 18.33 7.44
N LYS E 82 -2.28 17.76 7.97
CA LYS E 82 -2.31 16.38 8.40
C LYS E 82 -2.91 15.49 7.32
N THR E 83 -2.35 14.31 7.14
CA THR E 83 -2.82 13.39 6.12
C THR E 83 -4.04 12.61 6.60
N VAL E 84 -5.08 12.59 5.76
CA VAL E 84 -6.31 11.85 6.06
C VAL E 84 -6.05 10.36 5.80
N PRO E 85 -6.29 9.47 6.76
CA PRO E 85 -6.01 8.04 6.54
C PRO E 85 -7.16 7.20 6.01
N VAL E 86 -8.38 7.74 5.93
CA VAL E 86 -9.54 6.96 5.50
C VAL E 86 -10.47 7.86 4.69
N ASP E 87 -11.28 7.22 3.84
CA ASP E 87 -12.32 7.90 3.08
C ASP E 87 -13.51 8.22 4.00
N GLY E 88 -14.11 9.38 3.79
CA GLY E 88 -15.37 9.67 4.46
C GLY E 88 -15.61 11.15 4.60
N GLU E 89 -16.86 11.48 4.95
CA GLU E 89 -17.22 12.85 5.24
C GLU E 89 -16.65 13.30 6.57
N LEU E 90 -16.13 14.52 6.62
CA LEU E 90 -15.61 15.09 7.87
C LEU E 90 -16.77 15.52 8.75
N ILE E 91 -16.90 14.89 9.92
CA ILE E 91 -17.80 15.33 10.97
C ILE E 91 -16.94 15.90 12.10
N LEU E 92 -17.31 17.09 12.58
CA LEU E 92 -16.66 17.69 13.73
C LEU E 92 -17.55 17.49 14.95
N LEU E 93 -16.94 17.09 16.06
CA LEU E 93 -17.70 16.64 17.22
C LEU E 93 -17.04 17.12 18.50
N PHE E 94 -17.83 17.70 19.39
CA PHE E 94 -17.40 17.89 20.77
C PHE E 94 -17.55 16.55 21.48
N ASN E 95 -16.42 15.94 21.84
CA ASN E 95 -16.39 14.52 22.18
C ASN E 95 -16.69 14.28 23.66
N ASP E 96 -17.88 14.72 24.08
CA ASP E 96 -18.34 14.46 25.45
C ASP E 96 -18.74 12.99 25.57
N VAL E 97 -18.87 12.52 26.80
CA VAL E 97 -19.30 11.13 27.02
C VAL E 97 -20.72 10.96 26.50
N PRO E 98 -21.01 9.91 25.73
CA PRO E 98 -22.39 9.70 25.27
C PRO E 98 -23.37 9.75 26.43
N GLY E 99 -24.47 10.47 26.22
CA GLY E 99 -25.48 10.62 27.24
C GLY E 99 -25.32 11.81 28.15
N THR E 100 -24.20 12.54 28.05
CA THR E 100 -23.95 13.69 28.91
C THR E 100 -23.93 15.00 28.14
N PHE E 101 -24.55 15.04 26.95
CA PHE E 101 -24.58 16.29 26.18
C PHE E 101 -25.65 17.26 26.65
N GLY E 102 -26.56 16.83 27.53
CA GLY E 102 -27.69 17.66 27.91
C GLY E 102 -27.35 18.81 28.84
N ASP E 103 -26.19 18.77 29.50
CA ASP E 103 -25.75 19.88 30.32
C ASP E 103 -24.66 20.71 29.65
N ASN E 104 -24.55 20.61 28.34
CA ASN E 104 -23.55 21.33 27.56
C ASN E 104 -24.18 22.58 26.95
N SER E 105 -23.34 23.59 26.73
CA SER E 105 -23.80 24.82 26.11
C SER E 105 -22.62 25.50 25.42
N GLY E 106 -22.94 26.43 24.53
CA GLY E 106 -21.94 27.13 23.75
C GLY E 106 -21.51 26.34 22.53
N GLU E 107 -20.65 26.97 21.72
CA GLU E 107 -20.19 26.37 20.48
C GLU E 107 -18.80 26.89 20.14
N PHE E 108 -18.02 26.03 19.50
CA PHE E 108 -16.75 26.44 18.91
C PHE E 108 -16.98 27.00 17.51
N GLN E 109 -16.12 27.92 17.11
CA GLN E 109 -16.06 28.41 15.74
C GLN E 109 -14.85 27.77 15.08
N VAL E 110 -15.09 26.97 14.03
CA VAL E 110 -14.06 26.12 13.44
C VAL E 110 -13.91 26.46 11.97
N GLU E 111 -12.67 26.40 11.50
CA GLU E 111 -12.32 26.58 10.09
C GLU E 111 -11.55 25.36 9.61
N VAL E 112 -11.91 24.89 8.42
CA VAL E 112 -11.28 23.72 7.81
C VAL E 112 -10.79 24.10 6.44
N ILE E 113 -9.55 23.73 6.13
CA ILE E 113 -8.99 23.89 4.79
C ILE E 113 -8.50 22.53 4.33
N ILE E 114 -8.90 22.13 3.13
CA ILE E 114 -8.32 20.97 2.47
C ILE E 114 -7.06 21.45 1.77
N GLU E 115 -5.89 21.11 2.34
CA GLU E 115 -4.64 21.64 1.82
C GLU E 115 -4.27 21.00 0.49
N SER E 116 -4.62 19.74 0.29
CA SER E 116 -4.33 19.08 -0.98
C SER E 116 -5.21 17.85 -1.11
N ARG E 117 -5.47 17.49 -2.37
CA ARG E 117 -6.18 16.27 -2.71
C ARG E 117 -5.17 15.25 -3.22
N TYR E 118 -5.32 14.01 -2.78
CA TYR E 118 -4.29 13.00 -3.01
C TYR E 118 -3.96 12.86 -4.50
N SER E 119 -2.67 12.98 -4.81
CA SER E 119 -2.12 12.64 -6.12
C SER E 119 -0.68 12.19 -5.95
N PRO E 120 -0.32 11.00 -6.42
CA PRO E 120 1.04 10.49 -6.21
C PRO E 120 2.02 11.01 -7.25
N LEU E 121 3.28 11.05 -6.85
CA LEU E 121 4.33 11.61 -7.70
C LEU E 121 4.44 10.85 -9.03
N LYS E 122 4.61 9.53 -8.97
CA LYS E 122 4.52 8.64 -10.16
C LYS E 122 5.64 8.77 -11.19
N SER F 2 -7.26 19.51 -8.01
CA SER F 2 -7.11 20.87 -8.53
C SER F 2 -8.41 21.65 -8.40
N ASP F 3 -8.29 22.96 -8.16
CA ASP F 3 -9.47 23.84 -8.23
C ASP F 3 -10.01 23.90 -9.66
N TRP F 4 -9.13 23.78 -10.65
CA TRP F 4 -9.54 23.62 -12.03
C TRP F 4 -8.44 22.90 -12.79
N SER F 5 -8.84 21.93 -13.61
CA SER F 5 -7.94 21.32 -14.57
C SER F 5 -8.68 21.18 -15.89
N GLY F 6 -7.96 21.34 -16.98
CA GLY F 6 -8.57 21.22 -18.28
C GLY F 6 -7.59 21.58 -19.38
N SER F 7 -8.10 21.66 -20.59
CA SER F 7 -7.29 21.94 -21.76
C SER F 7 -7.41 23.41 -22.14
N VAL F 8 -6.30 23.96 -22.64
CA VAL F 8 -6.28 25.31 -23.18
C VAL F 8 -5.93 25.22 -24.66
N PRO F 9 -6.91 25.34 -25.55
CA PRO F 9 -6.62 25.19 -26.98
C PRO F 9 -5.87 26.38 -27.53
N ALA F 10 -4.85 26.09 -28.34
CA ALA F 10 -4.06 27.15 -28.95
C ALA F 10 -4.89 28.00 -29.90
N ASN F 11 -5.96 27.45 -30.47
CA ASN F 11 -6.74 28.19 -31.46
C ASN F 11 -7.91 28.94 -30.84
N ALA F 12 -8.02 28.98 -29.51
CA ALA F 12 -9.10 29.70 -28.83
C ALA F 12 -8.67 31.14 -28.61
N GLU F 13 -9.16 32.04 -29.47
CA GLU F 13 -8.74 33.44 -29.39
C GLU F 13 -9.17 34.11 -28.10
N ASN F 14 -10.28 33.65 -27.50
CA ASN F 14 -10.75 34.18 -26.22
C ASN F 14 -10.37 33.31 -25.05
N GLY F 15 -9.50 32.32 -25.27
CA GLY F 15 -8.96 31.52 -24.19
C GLY F 15 -9.96 30.51 -23.64
N LYS F 16 -9.63 30.01 -22.45
CA LYS F 16 -10.44 29.03 -21.75
C LYS F 16 -10.69 29.56 -20.34
N SER F 17 -11.94 29.74 -19.98
CA SER F 17 -12.24 30.16 -18.62
C SER F 17 -12.08 28.99 -17.65
N THR F 18 -11.41 29.25 -16.52
CA THR F 18 -11.35 28.31 -15.41
C THR F 18 -12.55 28.43 -14.48
N GLY F 19 -13.35 29.47 -14.62
CA GLY F 19 -14.44 29.73 -13.71
C GLY F 19 -14.02 30.24 -12.36
N LEU F 20 -12.72 30.21 -12.04
CA LEU F 20 -12.28 30.65 -10.73
C LEU F 20 -12.37 32.17 -10.61
N ILE F 21 -12.97 32.64 -9.54
CA ILE F 21 -13.14 34.06 -9.29
C ILE F 21 -12.11 34.46 -8.23
N LEU F 22 -11.13 35.23 -8.65
CA LEU F 22 -10.00 35.58 -7.81
C LEU F 22 -10.16 36.98 -7.23
N LYS F 23 -9.57 37.18 -6.06
CA LYS F 23 -9.52 38.47 -5.41
C LYS F 23 -8.07 38.84 -5.18
N GLN F 24 -7.79 40.14 -5.22
CA GLN F 24 -6.47 40.63 -4.85
C GLN F 24 -6.06 40.05 -3.51
N GLY F 25 -4.87 39.47 -3.48
CA GLY F 25 -4.31 38.88 -2.28
C GLY F 25 -4.46 37.38 -2.17
N ASP F 26 -5.34 36.77 -2.97
CA ASP F 26 -5.30 35.33 -3.12
C ASP F 26 -3.93 34.91 -3.63
N THR F 27 -3.56 33.66 -3.39
CA THR F 27 -2.37 33.10 -4.00
C THR F 27 -2.78 31.89 -4.84
N ILE F 28 -2.06 31.69 -5.95
CA ILE F 28 -2.38 30.58 -6.86
C ILE F 28 -1.09 29.91 -7.32
N SER F 29 -1.24 28.67 -7.75
CA SER F 29 -0.20 27.90 -8.41
C SER F 29 -0.77 27.29 -9.68
N VAL F 30 0.07 27.19 -10.71
CA VAL F 30 -0.35 26.66 -12.00
C VAL F 30 0.78 25.82 -12.56
N VAL F 31 0.44 24.70 -13.19
CA VAL F 31 1.37 23.96 -14.05
C VAL F 31 0.71 23.71 -15.38
N ALA F 32 1.50 23.76 -16.45
CA ALA F 32 0.99 23.62 -17.81
C ALA F 32 1.88 22.66 -18.57
N HIS F 33 1.27 21.68 -19.22
CA HIS F 33 1.98 20.63 -19.94
C HIS F 33 1.62 20.68 -21.43
N GLY F 34 2.53 20.18 -22.24
CA GLY F 34 2.20 19.87 -23.62
C GLY F 34 2.72 20.88 -24.63
N TRP F 35 2.18 20.77 -25.83
CA TRP F 35 2.74 21.37 -27.03
C TRP F 35 1.64 21.82 -27.95
N VAL F 36 1.82 23.00 -28.55
CA VAL F 36 0.89 23.52 -29.54
C VAL F 36 1.67 24.05 -30.73
N LYS F 37 0.95 24.23 -31.83
CA LYS F 37 1.45 24.94 -32.99
C LYS F 37 0.82 26.32 -33.03
N TYR F 38 1.64 27.34 -33.26
CA TYR F 38 1.13 28.68 -33.50
C TYR F 38 1.19 29.07 -34.97
N GLY F 39 1.65 28.16 -35.83
CA GLY F 39 1.62 28.33 -37.27
C GLY F 39 1.72 26.96 -37.92
N ARG F 40 1.61 26.95 -39.25
CA ARG F 40 1.63 25.69 -39.98
C ARG F 40 3.03 25.15 -40.22
N ASP F 41 4.06 26.00 -40.15
CA ASP F 41 5.41 25.58 -40.49
C ASP F 41 5.96 24.60 -39.45
N ASN F 42 6.85 23.72 -39.91
CA ASN F 42 7.42 22.69 -39.05
C ASN F 42 8.06 23.26 -37.79
N VAL F 43 8.53 24.51 -37.84
CA VAL F 43 9.25 25.07 -36.69
C VAL F 43 8.34 25.84 -35.73
N GLU F 44 7.07 26.05 -36.06
CA GLU F 44 6.22 26.95 -35.28
C GLU F 44 5.57 26.21 -34.11
N TRP F 45 6.41 25.66 -33.25
CA TRP F 45 5.99 24.97 -32.04
C TRP F 45 6.20 25.85 -30.81
N ALA F 46 5.31 25.67 -29.83
CA ALA F 46 5.42 26.40 -28.56
C ALA F 46 5.10 25.46 -27.39
N ALA F 47 5.90 25.59 -26.35
CA ALA F 47 5.54 25.11 -25.01
C ALA F 47 4.79 26.22 -24.29
N PRO F 48 4.23 25.94 -23.11
CA PRO F 48 3.61 27.04 -22.36
C PRO F 48 4.52 28.25 -22.19
N ASP F 49 5.80 28.02 -21.93
CA ASP F 49 6.77 29.11 -21.79
C ASP F 49 6.88 29.96 -23.07
N GLY F 50 6.58 29.40 -24.23
CA GLY F 50 6.62 30.14 -25.47
C GLY F 50 7.17 29.37 -26.64
N PRO F 51 7.39 30.07 -27.75
CA PRO F 51 7.97 29.41 -28.93
C PRO F 51 9.31 28.74 -28.62
N VAL F 52 9.53 27.60 -29.25
CA VAL F 52 10.86 26.99 -29.27
C VAL F 52 11.84 28.07 -29.72
N PRO F 53 12.98 28.25 -29.04
CA PRO F 53 13.84 29.41 -29.33
C PRO F 53 14.51 29.42 -30.69
N ASN F 54 14.37 28.39 -31.53
CA ASN F 54 14.94 28.47 -32.86
C ASN F 54 14.06 29.23 -33.82
N ASN F 55 12.92 29.75 -33.35
CA ASN F 55 12.03 30.61 -34.13
C ASN F 55 11.33 31.60 -33.20
N PRO F 56 12.08 32.51 -32.57
CA PRO F 56 11.48 33.38 -31.55
C PRO F 56 10.43 34.32 -32.13
N GLN F 57 9.47 34.69 -31.28
CA GLN F 57 8.40 35.61 -31.64
C GLN F 57 8.46 36.80 -30.68
N PRO F 58 7.71 37.87 -30.94
CA PRO F 58 7.82 39.05 -30.08
C PRO F 58 7.44 38.76 -28.64
N SER F 59 7.82 39.69 -27.78
CA SER F 59 7.58 39.57 -26.34
C SER F 59 6.11 39.24 -26.05
N SER F 60 5.91 38.22 -25.22
CA SER F 60 4.63 37.72 -24.71
C SER F 60 3.88 36.88 -25.75
N ILE F 61 4.26 36.90 -27.02
CA ILE F 61 3.46 36.27 -28.05
C ILE F 61 3.65 34.76 -28.01
N ALA F 62 2.55 34.04 -28.18
CA ALA F 62 2.55 32.58 -28.25
C ALA F 62 3.08 31.97 -26.97
N THR F 63 2.74 32.59 -25.84
CA THR F 63 2.97 32.06 -24.51
C THR F 63 1.63 31.85 -23.81
N LEU F 64 1.63 30.97 -22.82
CA LEU F 64 0.45 30.79 -21.97
C LEU F 64 0.40 31.92 -20.94
N VAL F 65 -0.72 32.64 -20.90
CA VAL F 65 -0.89 33.73 -19.97
C VAL F 65 -2.18 33.52 -19.19
N ALA F 66 -2.27 34.24 -18.07
CA ALA F 66 -3.50 34.36 -17.31
C ALA F 66 -4.11 35.70 -17.61
N LYS F 67 -5.41 35.71 -17.90
CA LYS F 67 -6.15 36.94 -18.12
C LYS F 67 -7.16 37.06 -16.99
N ILE F 68 -7.08 38.16 -16.24
CA ILE F 68 -7.97 38.44 -15.11
C ILE F 68 -8.57 39.82 -15.36
N ALA F 69 -9.82 39.86 -15.80
CA ALA F 69 -10.52 41.12 -16.07
C ALA F 69 -9.68 42.04 -16.94
N ASN F 70 -9.26 41.50 -18.08
CA ASN F 70 -8.62 42.27 -19.15
C ASN F 70 -7.17 42.64 -18.87
N LYS F 71 -6.58 42.17 -17.78
CA LYS F 71 -5.15 42.32 -17.56
C LYS F 71 -4.48 40.96 -17.69
N LYS F 72 -3.29 40.95 -18.27
CA LYS F 72 -2.58 39.71 -18.58
C LYS F 72 -1.37 39.55 -17.67
N PHE F 73 -1.15 38.31 -17.23
CA PHE F 73 0.00 37.97 -16.41
C PHE F 73 0.67 36.74 -16.99
N ALA F 74 2.01 36.72 -16.93
CA ALA F 74 2.77 35.58 -17.41
C ALA F 74 2.50 34.35 -16.53
N ILE F 75 2.41 33.19 -17.17
CA ILE F 75 2.26 31.90 -16.50
C ILE F 75 3.28 30.93 -17.07
N GLY F 76 3.24 30.75 -18.39
CA GLY F 76 4.19 29.83 -19.01
C GLY F 76 3.98 28.42 -18.48
N ASN F 77 5.10 27.71 -18.27
CA ASN F 77 5.05 26.34 -17.79
C ASN F 77 4.42 26.24 -16.41
N GLY F 78 4.41 27.32 -15.64
CA GLY F 78 3.69 27.32 -14.38
C GLY F 78 4.24 28.36 -13.44
N VAL F 79 3.52 28.52 -12.32
CA VAL F 79 3.91 29.43 -11.25
C VAL F 79 3.53 28.76 -9.93
N LEU F 80 4.27 29.09 -8.88
CA LEU F 80 4.04 28.53 -7.55
C LEU F 80 3.76 29.64 -6.54
N HIS F 81 2.59 29.58 -5.91
CA HIS F 81 2.23 30.43 -4.78
C HIS F 81 2.46 31.91 -5.08
N LYS F 82 1.90 32.36 -6.21
CA LYS F 82 1.99 33.75 -6.59
C LYS F 82 0.75 34.51 -6.13
N THR F 83 0.98 35.73 -5.67
CA THR F 83 -0.11 36.59 -5.21
C THR F 83 -0.82 37.26 -6.38
N VAL F 84 -2.13 37.09 -6.43
CA VAL F 84 -2.97 37.72 -7.45
C VAL F 84 -3.09 39.22 -7.14
N PRO F 85 -2.77 40.11 -8.07
CA PRO F 85 -2.83 41.55 -7.76
C PRO F 85 -4.15 42.24 -8.11
N VAL F 86 -5.09 41.54 -8.75
CA VAL F 86 -6.34 42.15 -9.20
C VAL F 86 -7.48 41.15 -9.02
N ASP F 87 -8.70 41.69 -8.91
CA ASP F 87 -9.88 40.85 -8.85
C ASP F 87 -10.34 40.46 -10.25
N GLY F 88 -10.89 39.27 -10.37
CA GLY F 88 -11.54 38.89 -11.60
C GLY F 88 -11.60 37.40 -11.80
N GLU F 89 -12.30 37.03 -12.87
CA GLU F 89 -12.40 35.64 -13.32
C GLU F 89 -11.12 35.26 -14.03
N LEU F 90 -10.58 34.09 -13.71
CA LEU F 90 -9.33 33.64 -14.31
C LEU F 90 -9.60 32.97 -15.65
N ILE F 91 -9.08 33.56 -16.71
CA ILE F 91 -9.09 32.99 -18.06
C ILE F 91 -7.66 32.62 -18.41
N LEU F 92 -7.46 31.42 -18.94
CA LEU F 92 -6.15 31.01 -19.43
C LEU F 92 -6.14 31.17 -20.95
N LEU F 93 -5.05 31.72 -21.47
CA LEU F 93 -5.02 32.15 -22.86
C LEU F 93 -3.68 31.81 -23.50
N PHE F 94 -3.72 31.19 -24.68
CA PHE F 94 -2.55 31.13 -25.55
C PHE F 94 -2.43 32.46 -26.26
N ASN F 95 -1.47 33.28 -25.85
CA ASN F 95 -1.43 34.69 -26.22
C ASN F 95 -0.82 34.89 -27.62
N ASP F 96 -1.52 34.38 -28.62
CA ASP F 96 -1.10 34.61 -29.99
C ASP F 96 -1.55 36.00 -30.43
N VAL F 97 -0.99 36.49 -31.53
CA VAL F 97 -1.39 37.80 -32.04
C VAL F 97 -2.86 37.75 -32.45
N PRO F 98 -3.69 38.70 -32.04
CA PRO F 98 -5.10 38.67 -32.48
C PRO F 98 -5.21 38.58 -34.00
N GLY F 99 -6.17 37.76 -34.44
CA GLY F 99 -6.37 37.50 -35.86
C GLY F 99 -5.56 36.36 -36.42
N THR F 100 -4.63 35.78 -35.65
CA THR F 100 -3.72 34.75 -36.15
C THR F 100 -3.93 33.41 -35.45
N PHE F 101 -5.10 33.17 -34.86
CA PHE F 101 -5.36 31.91 -34.19
C PHE F 101 -5.80 30.81 -35.15
N GLY F 102 -6.11 31.15 -36.41
CA GLY F 102 -6.64 30.18 -37.34
C GLY F 102 -5.66 29.13 -37.79
N ASP F 103 -4.36 29.40 -37.69
CA ASP F 103 -3.34 28.42 -38.05
C ASP F 103 -2.74 27.73 -36.83
N ASN F 104 -3.43 27.81 -35.68
CA ASN F 104 -2.98 27.16 -34.46
C ASN F 104 -3.65 25.80 -34.29
N SER F 105 -2.99 24.92 -33.54
CA SER F 105 -3.53 23.60 -33.27
C SER F 105 -2.89 23.04 -32.01
N GLY F 106 -3.52 22.04 -31.44
CA GLY F 106 -3.09 21.46 -30.18
C GLY F 106 -3.61 22.23 -28.98
N GLU F 107 -3.37 21.67 -27.80
CA GLU F 107 -3.83 22.26 -26.55
C GLU F 107 -2.85 21.93 -25.44
N PHE F 108 -2.79 22.82 -24.46
CA PHE F 108 -2.05 22.57 -23.23
C PHE F 108 -2.99 21.92 -22.22
N GLN F 109 -2.42 21.05 -21.39
CA GLN F 109 -3.12 20.49 -20.24
C GLN F 109 -2.64 21.24 -19.00
N VAL F 110 -3.56 21.90 -18.31
CA VAL F 110 -3.22 22.86 -17.26
C VAL F 110 -3.96 22.51 -15.98
N GLU F 111 -3.27 22.69 -14.85
CA GLU F 111 -3.84 22.55 -13.52
C GLU F 111 -3.68 23.86 -12.78
N VAL F 112 -4.75 24.28 -12.09
CA VAL F 112 -4.75 25.51 -11.30
C VAL F 112 -5.18 25.17 -9.88
N ILE F 113 -4.41 25.61 -8.89
CA ILE F 113 -4.75 25.50 -7.47
C ILE F 113 -4.78 26.89 -6.87
N ILE F 114 -5.90 27.23 -6.24
CA ILE F 114 -5.94 28.43 -5.41
C ILE F 114 -5.33 28.05 -4.06
N GLU F 115 -4.11 28.55 -3.81
CA GLU F 115 -3.41 28.13 -2.60
C GLU F 115 -4.01 28.77 -1.35
N SER F 116 -4.48 30.01 -1.46
CA SER F 116 -5.11 30.67 -0.32
C SER F 116 -6.00 31.79 -0.81
N ARG F 117 -6.94 32.19 0.05
CA ARG F 117 -7.84 33.30 -0.18
C ARG F 117 -7.50 34.43 0.79
N TYR F 118 -7.49 35.67 0.27
CA TYR F 118 -6.91 36.77 1.01
C TYR F 118 -7.56 36.94 2.38
N SER F 119 -6.72 36.96 3.40
CA SER F 119 -7.14 37.23 4.76
C SER F 119 -5.92 37.71 5.54
N PRO F 120 -5.87 38.97 5.95
CA PRO F 120 -4.65 39.48 6.59
C PRO F 120 -4.62 39.16 8.08
N LEU F 121 -3.41 39.10 8.61
CA LEU F 121 -3.25 39.23 10.06
C LEU F 121 -3.80 40.57 10.49
N LYS F 122 -4.45 40.60 11.65
CA LYS F 122 -5.01 41.85 12.15
C LYS F 122 -5.07 41.84 13.66
N SER G 2 -16.23 -33.69 24.29
CA SER G 2 -14.90 -33.17 24.01
C SER G 2 -14.83 -31.67 24.30
N ASP G 3 -13.64 -31.20 24.69
CA ASP G 3 -13.46 -29.77 24.90
C ASP G 3 -13.43 -29.01 23.57
N TRP G 4 -12.98 -29.65 22.49
CA TRP G 4 -13.04 -29.04 21.17
C TRP G 4 -12.94 -30.12 20.11
N SER G 5 -13.83 -30.06 19.14
CA SER G 5 -13.75 -30.90 17.95
C SER G 5 -13.92 -30.01 16.74
N GLY G 6 -13.14 -30.27 15.71
CA GLY G 6 -13.23 -29.48 14.50
C GLY G 6 -12.23 -29.95 13.47
N SER G 7 -12.16 -29.20 12.38
CA SER G 7 -11.29 -29.52 11.26
C SER G 7 -10.03 -28.67 11.29
N VAL G 8 -8.93 -29.26 10.84
CA VAL G 8 -7.66 -28.57 10.67
C VAL G 8 -7.29 -28.61 9.20
N PRO G 9 -7.49 -27.51 8.48
CA PRO G 9 -7.21 -27.52 7.04
C PRO G 9 -5.72 -27.51 6.75
N ALA G 10 -5.32 -28.33 5.77
CA ALA G 10 -3.90 -28.42 5.41
C ALA G 10 -3.39 -27.12 4.80
N ASN G 11 -4.26 -26.31 4.20
CA ASN G 11 -3.83 -25.07 3.55
C ASN G 11 -3.82 -23.87 4.49
N ALA G 12 -4.09 -24.05 5.77
CA ALA G 12 -4.14 -22.93 6.72
C ALA G 12 -2.74 -22.72 7.29
N GLU G 13 -2.02 -21.74 6.74
CA GLU G 13 -0.65 -21.49 7.17
C GLU G 13 -0.58 -21.11 8.65
N ASN G 14 -1.62 -20.47 9.16
CA ASN G 14 -1.66 -20.10 10.57
C ASN G 14 -2.39 -21.12 11.43
N GLY G 15 -2.84 -22.21 10.83
CA GLY G 15 -3.46 -23.29 11.57
C GLY G 15 -4.89 -22.97 11.95
N LYS G 16 -5.37 -23.72 12.95
CA LYS G 16 -6.73 -23.62 13.43
C LYS G 16 -6.69 -23.37 14.93
N SER G 17 -7.18 -22.22 15.35
CA SER G 17 -7.25 -21.90 16.76
C SER G 17 -8.43 -22.62 17.39
N THR G 18 -8.19 -23.35 18.48
CA THR G 18 -9.23 -24.13 19.14
C THR G 18 -10.01 -23.34 20.17
N GLY G 19 -9.53 -22.17 20.59
CA GLY G 19 -10.16 -21.43 21.65
C GLY G 19 -9.91 -21.98 23.04
N LEU G 20 -9.26 -23.13 23.17
CA LEU G 20 -8.90 -23.68 24.47
C LEU G 20 -7.65 -22.98 24.98
N ILE G 21 -7.76 -22.35 26.14
CA ILE G 21 -6.64 -21.64 26.77
C ILE G 21 -6.02 -22.59 27.80
N LEU G 22 -4.83 -23.09 27.49
CA LEU G 22 -4.16 -24.07 28.33
C LEU G 22 -3.21 -23.38 29.30
N LYS G 23 -3.01 -24.03 30.44
CA LYS G 23 -2.05 -23.58 31.43
C LYS G 23 -1.01 -24.68 31.67
N GLN G 24 0.19 -24.24 32.04
CA GLN G 24 1.23 -25.15 32.46
C GLN G 24 0.68 -26.11 33.52
N GLY G 25 0.85 -27.40 33.27
CA GLY G 25 0.42 -28.43 34.19
C GLY G 25 -0.92 -29.06 33.85
N ASP G 26 -1.70 -28.43 32.98
CA ASP G 26 -2.87 -29.09 32.42
C ASP G 26 -2.42 -30.36 31.69
N THR G 27 -3.35 -31.30 31.56
CA THR G 27 -3.14 -32.50 30.75
C THR G 27 -4.19 -32.54 29.66
N ILE G 28 -3.81 -33.02 28.47
CA ILE G 28 -4.71 -33.04 27.32
C ILE G 28 -4.57 -34.37 26.58
N SER G 29 -5.64 -34.70 25.85
CA SER G 29 -5.63 -35.82 24.90
C SER G 29 -6.14 -35.32 23.55
N VAL G 30 -5.59 -35.89 22.48
CA VAL G 30 -5.94 -35.50 21.11
C VAL G 30 -5.98 -36.75 20.24
N VAL G 31 -6.97 -36.81 19.34
CA VAL G 31 -6.98 -37.78 18.25
C VAL G 31 -7.30 -37.06 16.95
N ALA G 32 -6.58 -37.42 15.90
CA ALA G 32 -6.73 -36.79 14.60
C ALA G 32 -6.96 -37.88 13.55
N HIS G 33 -7.95 -37.65 12.70
CA HIS G 33 -8.34 -38.59 11.65
C HIS G 33 -8.24 -37.90 10.28
N GLY G 34 -7.95 -38.70 9.26
CA GLY G 34 -8.13 -38.26 7.89
C GLY G 34 -6.82 -38.06 7.14
N TRP G 35 -6.96 -37.40 5.99
CA TRP G 35 -5.94 -37.35 4.96
C TRP G 35 -5.88 -35.98 4.31
N VAL G 36 -4.66 -35.51 4.04
CA VAL G 36 -4.47 -34.23 3.36
C VAL G 36 -3.41 -34.39 2.27
N LYS G 37 -3.49 -33.49 1.30
CA LYS G 37 -2.44 -33.31 0.32
C LYS G 37 -1.58 -32.14 0.76
N TYR G 38 -0.25 -32.34 0.76
CA TYR G 38 0.70 -31.25 0.95
C TYR G 38 1.36 -30.85 -0.35
N GLY G 39 0.96 -31.47 -1.47
CA GLY G 39 1.37 -31.10 -2.81
C GLY G 39 0.43 -31.76 -3.79
N ARG G 40 0.56 -31.40 -5.06
CA ARG G 40 -0.41 -31.85 -6.05
C ARG G 40 -0.05 -33.18 -6.72
N ASP G 41 1.13 -33.73 -6.45
CA ASP G 41 1.49 -35.02 -7.03
C ASP G 41 0.75 -36.15 -6.31
N ASN G 42 0.61 -37.27 -7.03
CA ASN G 42 -0.19 -38.40 -6.55
C ASN G 42 0.37 -39.01 -5.27
N VAL G 43 1.63 -38.73 -4.91
CA VAL G 43 2.25 -39.34 -3.75
C VAL G 43 2.28 -38.41 -2.54
N GLU G 44 1.85 -37.16 -2.70
CA GLU G 44 2.01 -36.15 -1.66
C GLU G 44 0.81 -36.15 -0.72
N TRP G 45 0.60 -37.30 -0.11
CA TRP G 45 -0.42 -37.51 0.91
C TRP G 45 0.22 -37.50 2.30
N ALA G 46 -0.55 -37.04 3.28
CA ALA G 46 -0.11 -37.08 4.67
C ALA G 46 -1.28 -37.49 5.55
N ALA G 47 -1.00 -38.36 6.50
CA ALA G 47 -1.82 -38.54 7.69
C ALA G 47 -1.38 -37.54 8.75
N PRO G 48 -2.13 -37.41 9.84
CA PRO G 48 -1.65 -36.55 10.93
C PRO G 48 -0.22 -36.89 11.35
N ASP G 49 0.13 -38.18 11.39
CA ASP G 49 1.48 -38.60 11.74
C ASP G 49 2.52 -38.10 10.74
N GLY G 50 2.10 -37.70 9.55
CA GLY G 50 3.00 -37.13 8.58
C GLY G 50 2.86 -37.70 7.19
N PRO G 51 3.83 -37.40 6.32
CA PRO G 51 3.77 -37.89 4.94
C PRO G 51 3.83 -39.41 4.87
N VAL G 52 3.10 -39.98 3.91
CA VAL G 52 3.26 -41.42 3.65
C VAL G 52 4.73 -41.69 3.36
N PRO G 53 5.33 -42.76 3.91
CA PRO G 53 6.79 -42.87 3.88
C PRO G 53 7.42 -43.11 2.51
N ASN G 54 6.64 -43.32 1.45
CA ASN G 54 7.24 -43.42 0.13
C ASN G 54 7.58 -42.06 -0.46
N ASN G 55 7.34 -40.97 0.26
CA ASN G 55 7.73 -39.63 -0.18
C ASN G 55 8.01 -38.77 1.04
N PRO G 56 9.05 -39.11 1.81
CA PRO G 56 9.29 -38.42 3.09
C PRO G 56 9.71 -36.97 2.89
N GLN G 57 9.44 -36.19 3.93
CA GLN G 57 9.77 -34.77 3.98
C GLN G 57 10.66 -34.52 5.20
N PRO G 58 11.20 -33.31 5.36
CA PRO G 58 12.06 -33.04 6.52
C PRO G 58 11.31 -33.27 7.84
N SER G 59 12.09 -33.42 8.91
CA SER G 59 11.55 -33.79 10.21
C SER G 59 10.43 -32.84 10.64
N SER G 60 9.30 -33.43 11.02
CA SER G 60 8.13 -32.73 11.55
C SER G 60 7.35 -31.99 10.47
N ILE G 61 7.89 -31.92 9.24
CA ILE G 61 7.19 -31.23 8.16
C ILE G 61 6.00 -32.06 7.71
N ALA G 62 4.89 -31.38 7.42
CA ALA G 62 3.67 -32.01 6.95
C ALA G 62 3.12 -32.99 7.97
N THR G 63 3.29 -32.67 9.25
CA THR G 63 2.67 -33.40 10.34
C THR G 63 1.75 -32.47 11.10
N LEU G 64 0.80 -33.06 11.82
CA LEU G 64 -0.05 -32.28 12.71
C LEU G 64 0.71 -31.99 14.00
N VAL G 65 0.80 -30.71 14.36
CA VAL G 65 1.47 -30.28 15.58
C VAL G 65 0.52 -29.38 16.36
N ALA G 66 0.83 -29.21 17.63
CA ALA G 66 0.17 -28.22 18.48
C ALA G 66 1.10 -27.02 18.64
N LYS G 67 0.56 -25.83 18.41
CA LYS G 67 1.26 -24.59 18.69
C LYS G 67 0.69 -23.98 19.95
N ILE G 68 1.53 -23.77 20.96
CA ILE G 68 1.15 -23.11 22.19
C ILE G 68 2.24 -22.08 22.50
N ALA G 69 1.85 -20.81 22.48
CA ALA G 69 2.80 -19.71 22.73
C ALA G 69 3.99 -19.80 21.79
N ASN G 70 3.70 -20.04 20.51
CA ASN G 70 4.72 -20.10 19.46
C ASN G 70 5.82 -21.12 19.78
N LYS G 71 5.50 -22.12 20.59
CA LYS G 71 6.30 -23.34 20.68
C LYS G 71 5.48 -24.45 20.05
N LYS G 72 6.16 -25.36 19.34
CA LYS G 72 5.51 -26.44 18.62
C LYS G 72 5.71 -27.76 19.35
N PHE G 73 4.66 -28.57 19.37
CA PHE G 73 4.68 -29.87 20.03
C PHE G 73 4.09 -30.92 19.09
N ALA G 74 4.70 -32.09 19.08
CA ALA G 74 4.22 -33.18 18.25
C ALA G 74 2.86 -33.67 18.73
N ILE G 75 1.95 -33.91 17.78
CA ILE G 75 0.64 -34.51 18.06
C ILE G 75 0.46 -35.70 17.14
N GLY G 76 0.56 -35.47 15.84
CA GLY G 76 0.33 -36.54 14.88
C GLY G 76 -1.05 -37.13 15.02
N ASN G 77 -1.13 -38.45 14.87
CA ASN G 77 -2.42 -39.13 15.00
C ASN G 77 -3.05 -38.92 16.38
N GLY G 78 -2.26 -38.63 17.41
CA GLY G 78 -2.84 -38.28 18.68
C GLY G 78 -1.88 -38.47 19.83
N VAL G 79 -2.30 -37.97 21.00
CA VAL G 79 -1.58 -38.13 22.25
C VAL G 79 -2.61 -38.36 23.35
N LEU G 80 -2.17 -39.02 24.43
CA LEU G 80 -3.05 -39.31 25.56
C LEU G 80 -2.45 -38.76 26.85
N HIS G 81 -3.23 -37.92 27.53
CA HIS G 81 -2.94 -37.49 28.90
C HIS G 81 -1.52 -36.95 29.03
N LYS G 82 -1.20 -35.96 28.19
CA LYS G 82 0.13 -35.34 28.19
C LYS G 82 0.07 -34.01 28.93
N THR G 83 1.12 -33.76 29.70
CA THR G 83 1.20 -32.54 30.50
C THR G 83 1.67 -31.38 29.64
N VAL G 84 0.93 -30.29 29.71
CA VAL G 84 1.27 -29.09 28.94
C VAL G 84 2.39 -28.35 29.65
N PRO G 85 3.47 -27.97 28.95
CA PRO G 85 4.59 -27.30 29.62
C PRO G 85 4.55 -25.78 29.59
N VAL G 86 3.62 -25.18 28.85
CA VAL G 86 3.57 -23.73 28.70
C VAL G 86 2.12 -23.29 28.64
N ASP G 87 1.89 -22.02 29.01
CA ASP G 87 0.57 -21.41 28.95
C ASP G 87 0.33 -20.82 27.57
N GLY G 88 -0.90 -20.96 27.08
CA GLY G 88 -1.29 -20.33 25.84
C GLY G 88 -2.49 -21.01 25.22
N GLU G 89 -3.03 -20.35 24.20
CA GLU G 89 -4.12 -20.93 23.44
C GLU G 89 -3.61 -22.08 22.59
N LEU G 90 -4.39 -23.16 22.55
CA LEU G 90 -4.04 -24.31 21.72
C LEU G 90 -4.39 -24.04 20.27
N ILE G 91 -3.39 -23.97 19.42
CA ILE G 91 -3.56 -23.83 17.97
C ILE G 91 -3.09 -25.10 17.32
N LEU G 92 -3.94 -25.70 16.49
CA LEU G 92 -3.61 -26.91 15.75
C LEU G 92 -3.15 -26.50 14.35
N LEU G 93 -2.02 -27.06 13.90
CA LEU G 93 -1.39 -26.63 12.66
C LEU G 93 -0.89 -27.83 11.88
N PHE G 94 -1.19 -27.83 10.58
CA PHE G 94 -0.52 -28.72 9.64
C PHE G 94 0.83 -28.10 9.31
N ASN G 95 1.91 -28.72 9.79
CA ASN G 95 3.22 -28.08 9.87
C ASN G 95 3.98 -28.19 8.54
N ASP G 96 3.38 -27.63 7.49
CA ASP G 96 4.04 -27.55 6.19
C ASP G 96 5.11 -26.46 6.21
N VAL G 97 5.96 -26.46 5.20
CA VAL G 97 7.04 -25.46 5.15
C VAL G 97 6.43 -24.08 4.94
N PRO G 98 6.85 -23.06 5.69
CA PRO G 98 6.29 -21.72 5.48
C PRO G 98 6.35 -21.31 4.02
N GLY G 99 5.24 -20.78 3.52
CA GLY G 99 5.13 -20.36 2.13
C GLY G 99 4.78 -21.46 1.16
N THR G 100 4.67 -22.72 1.62
CA THR G 100 4.36 -23.84 0.75
C THR G 100 2.96 -24.39 0.99
N PHE G 101 2.08 -23.62 1.63
CA PHE G 101 0.72 -24.07 1.90
C PHE G 101 -0.21 -23.93 0.71
N GLY G 102 0.20 -23.19 -0.33
CA GLY G 102 -0.68 -22.88 -1.44
C GLY G 102 -1.12 -24.07 -2.26
N ASP G 103 -0.39 -25.19 -2.17
CA ASP G 103 -0.73 -26.39 -2.93
C ASP G 103 -1.30 -27.50 -2.04
N ASN G 104 -1.76 -27.16 -0.84
CA ASN G 104 -2.34 -28.12 0.09
C ASN G 104 -3.86 -28.15 -0.05
N SER G 105 -4.44 -29.30 0.26
CA SER G 105 -5.89 -29.46 0.24
C SER G 105 -6.28 -30.52 1.27
N GLY G 106 -7.56 -30.52 1.62
CA GLY G 106 -8.08 -31.45 2.60
C GLY G 106 -7.96 -30.92 4.01
N GLU G 107 -8.44 -31.73 4.95
CA GLU G 107 -8.42 -31.36 6.37
C GLU G 107 -8.47 -32.62 7.22
N PHE G 108 -7.88 -32.54 8.39
CA PHE G 108 -8.02 -33.55 9.42
C PHE G 108 -9.22 -33.22 10.31
N GLN G 109 -9.88 -34.25 10.81
CA GLN G 109 -10.90 -34.10 11.84
C GLN G 109 -10.26 -34.44 13.17
N VAL G 110 -10.27 -33.48 14.10
CA VAL G 110 -9.50 -33.59 15.34
C VAL G 110 -10.41 -33.41 16.53
N GLU G 111 -10.16 -34.20 17.57
CA GLU G 111 -10.84 -34.07 18.86
C GLU G 111 -9.79 -33.77 19.92
N VAL G 112 -10.10 -32.79 20.78
CA VAL G 112 -9.21 -32.40 21.88
C VAL G 112 -10.01 -32.45 23.17
N ILE G 113 -9.43 -33.08 24.20
CA ILE G 113 -10.01 -33.12 25.53
C ILE G 113 -8.99 -32.57 26.50
N ILE G 114 -9.39 -31.57 27.28
CA ILE G 114 -8.60 -31.15 28.43
C ILE G 114 -8.91 -32.13 29.56
N GLU G 115 -7.96 -33.02 29.84
CA GLU G 115 -8.20 -34.10 30.80
C GLU G 115 -8.20 -33.58 32.24
N SER G 116 -7.46 -32.52 32.52
CA SER G 116 -7.40 -31.95 33.85
C SER G 116 -6.77 -30.57 33.76
N ARG G 117 -7.14 -29.71 34.71
CA ARG G 117 -6.55 -28.40 34.90
C ARG G 117 -5.62 -28.45 36.10
N TYR G 118 -4.45 -27.81 35.96
CA TYR G 118 -3.39 -27.98 36.95
C TYR G 118 -3.87 -27.63 38.35
N SER G 119 -3.64 -28.56 39.29
CA SER G 119 -3.88 -28.34 40.71
C SER G 119 -3.05 -29.35 41.51
N PRO G 120 -2.02 -28.92 42.21
CA PRO G 120 -1.17 -29.88 42.92
C PRO G 120 -1.77 -30.27 44.26
N LEU G 121 -1.44 -31.50 44.68
CA LEU G 121 -1.57 -31.83 46.10
C LEU G 121 -0.78 -30.80 46.89
N LYS G 122 -1.32 -30.41 48.04
CA LYS G 122 -0.66 -29.40 48.86
C LYS G 122 -0.82 -29.73 50.33
N SER H 2 11.12 29.49 -1.60
CA SER H 2 11.10 28.10 -2.03
C SER H 2 12.13 27.29 -1.25
N ASP H 3 11.91 25.98 -1.16
CA ASP H 3 12.87 25.12 -0.50
C ASP H 3 14.12 24.91 -1.35
N TRP H 4 13.98 24.96 -2.67
CA TRP H 4 15.14 24.93 -3.55
C TRP H 4 14.77 25.53 -4.90
N SER H 5 15.62 26.43 -5.39
CA SER H 5 15.50 26.93 -6.76
C SER H 5 16.89 27.01 -7.36
N GLY H 6 17.01 26.58 -8.61
CA GLY H 6 18.31 26.57 -9.25
C GLY H 6 18.19 26.04 -10.66
N SER H 7 19.34 25.91 -11.31
CA SER H 7 19.38 25.47 -12.69
C SER H 7 19.72 23.98 -12.74
N VAL H 8 19.12 23.28 -13.71
CA VAL H 8 19.39 21.86 -13.95
C VAL H 8 20.05 21.75 -15.31
N PRO H 9 21.35 21.50 -15.39
CA PRO H 9 22.02 21.47 -16.70
C PRO H 9 21.64 20.23 -17.49
N ALA H 10 21.43 20.43 -18.80
CA ALA H 10 21.10 19.31 -19.67
C ALA H 10 22.27 18.34 -19.81
N ASN H 11 23.50 18.82 -19.62
CA ASN H 11 24.68 17.99 -19.84
C ASN H 11 25.14 17.28 -18.58
N ALA H 12 24.38 17.34 -17.49
CA ALA H 12 24.78 16.72 -16.22
C ALA H 12 24.19 15.32 -16.15
N GLU H 13 25.01 14.30 -16.44
CA GLU H 13 24.50 12.94 -16.51
C GLU H 13 24.02 12.41 -15.16
N ASN H 14 24.53 12.95 -14.05
CA ASN H 14 24.05 12.60 -12.72
C ASN H 14 23.09 13.63 -12.15
N GLY H 15 22.57 14.53 -12.97
CA GLY H 15 21.58 15.48 -12.52
C GLY H 15 22.13 16.49 -11.52
N LYS H 16 21.21 17.13 -10.82
CA LYS H 16 21.55 18.13 -9.81
C LYS H 16 20.80 17.83 -8.54
N SER H 17 21.53 17.66 -7.44
CA SER H 17 20.91 17.44 -6.15
C SER H 17 20.31 18.74 -5.61
N THR H 18 19.16 18.63 -4.97
CA THR H 18 18.52 19.77 -4.34
C THR H 18 18.92 19.93 -2.88
N GLY H 19 19.48 18.87 -2.27
CA GLY H 19 19.74 18.84 -0.86
C GLY H 19 18.53 18.50 -0.01
N LEU H 20 17.35 18.32 -0.62
CA LEU H 20 16.13 18.07 0.12
C LEU H 20 15.96 16.57 0.35
N ILE H 21 15.83 16.19 1.63
CA ILE H 21 15.58 14.80 2.02
C ILE H 21 14.08 14.65 2.22
N LEU H 22 13.46 13.80 1.40
CA LEU H 22 12.02 13.61 1.38
C LEU H 22 11.67 12.29 2.05
N LYS H 23 10.54 12.27 2.73
CA LYS H 23 10.02 11.09 3.40
C LYS H 23 8.72 10.64 2.73
N GLN H 24 8.47 9.34 2.75
CA GLN H 24 7.17 8.81 2.38
C GLN H 24 6.06 9.63 3.02
N GLY H 25 5.20 10.22 2.19
CA GLY H 25 4.06 10.96 2.68
C GLY H 25 4.21 12.47 2.64
N ASP H 26 5.43 12.99 2.48
CA ASP H 26 5.58 14.40 2.17
C ASP H 26 4.86 14.73 0.86
N THR H 27 4.54 16.00 0.68
CA THR H 27 4.04 16.49 -0.60
C THR H 27 4.93 17.61 -1.12
N ILE H 28 5.08 17.67 -2.44
CA ILE H 28 5.98 18.61 -3.07
C ILE H 28 5.33 19.20 -4.31
N SER H 29 5.81 20.39 -4.68
CA SER H 29 5.45 21.03 -5.94
C SER H 29 6.74 21.43 -6.64
N VAL H 30 6.70 21.37 -7.97
CA VAL H 30 7.83 21.71 -8.82
C VAL H 30 7.30 22.43 -10.05
N VAL H 31 7.98 23.49 -10.47
CA VAL H 31 7.75 24.13 -11.76
C VAL H 31 9.09 24.32 -12.44
N ALA H 32 9.13 24.07 -13.74
CA ALA H 32 10.37 24.12 -14.51
C ALA H 32 10.17 24.95 -15.75
N HIS H 33 11.08 25.89 -15.98
CA HIS H 33 11.04 26.80 -17.12
C HIS H 33 12.28 26.61 -17.97
N GLY H 34 12.15 26.98 -19.25
CA GLY H 34 13.30 27.13 -20.10
C GLY H 34 13.47 26.03 -21.12
N TRP H 35 14.67 26.00 -21.70
CA TRP H 35 14.92 25.26 -22.92
C TRP H 35 16.34 24.70 -22.88
N VAL H 36 16.52 23.50 -23.41
CA VAL H 36 17.84 22.90 -23.54
C VAL H 36 17.94 22.22 -24.89
N LYS H 37 19.18 21.93 -25.29
CA LYS H 37 19.48 21.09 -26.44
C LYS H 37 19.88 19.72 -25.94
N TYR H 38 19.28 18.67 -26.50
CA TYR H 38 19.74 17.32 -26.24
C TYR H 38 20.58 16.78 -27.40
N GLY H 39 20.86 17.63 -28.38
CA GLY H 39 21.75 17.26 -29.47
C GLY H 39 22.12 18.50 -30.25
N ARG H 40 23.00 18.32 -31.23
CA ARG H 40 23.57 19.44 -31.97
C ARG H 40 22.70 19.92 -33.12
N ASP H 41 21.72 19.12 -33.56
CA ASP H 41 20.87 19.49 -34.67
C ASP H 41 19.90 20.60 -34.27
N ASN H 42 19.48 21.40 -35.26
CA ASN H 42 18.59 22.53 -35.01
C ASN H 42 17.27 22.11 -34.40
N VAL H 43 16.85 20.85 -34.59
CA VAL H 43 15.55 20.40 -34.12
C VAL H 43 15.61 19.81 -32.71
N GLU H 44 16.80 19.59 -32.16
CA GLU H 44 16.95 18.80 -30.93
C GLU H 44 16.83 19.69 -29.69
N TRP H 45 15.67 20.33 -29.60
CA TRP H 45 15.28 21.15 -28.47
C TRP H 45 14.36 20.37 -27.54
N ALA H 46 14.42 20.69 -26.25
CA ALA H 46 13.51 20.10 -25.29
C ALA H 46 13.09 21.15 -24.27
N ALA H 47 11.80 21.13 -23.94
CA ALA H 47 11.30 21.74 -22.73
C ALA H 47 11.39 20.74 -21.59
N PRO H 48 11.12 21.15 -20.36
CA PRO H 48 11.10 20.15 -19.28
C PRO H 48 10.16 18.98 -19.58
N ASP H 49 9.04 19.24 -20.25
CA ASP H 49 8.10 18.18 -20.61
C ASP H 49 8.72 17.19 -21.59
N GLY H 50 9.78 17.55 -22.29
CA GLY H 50 10.44 16.65 -23.20
C GLY H 50 10.79 17.28 -24.53
N PRO H 51 11.24 16.45 -25.47
CA PRO H 51 11.59 16.95 -26.81
C PRO H 51 10.40 17.58 -27.51
N VAL H 52 10.69 18.59 -28.32
CA VAL H 52 9.68 19.16 -29.24
C VAL H 52 9.15 17.99 -30.07
N PRO H 53 7.83 17.84 -30.22
CA PRO H 53 7.27 16.61 -30.80
C PRO H 53 7.58 16.39 -32.27
N ASN H 54 8.22 17.31 -32.97
CA ASN H 54 8.60 17.03 -34.35
C ASN H 54 9.87 16.19 -34.43
N ASN H 55 10.46 15.83 -33.29
CA ASN H 55 11.64 14.96 -33.25
C ASN H 55 11.57 14.12 -31.99
N PRO H 56 10.59 13.21 -31.91
CA PRO H 56 10.31 12.52 -30.64
C PRO H 56 11.41 11.53 -30.26
N GLN H 57 11.54 11.31 -28.94
CA GLN H 57 12.47 10.34 -28.40
C GLN H 57 11.71 9.32 -27.55
N PRO H 58 12.33 8.22 -27.13
CA PRO H 58 11.62 7.23 -26.33
C PRO H 58 11.05 7.81 -25.05
N SER H 59 10.06 7.12 -24.50
CA SER H 59 9.35 7.58 -23.31
C SER H 59 10.32 8.04 -22.23
N SER H 60 10.03 9.23 -21.67
CA SER H 60 10.77 9.79 -20.55
C SER H 60 12.14 10.31 -20.94
N ILE H 61 12.59 10.04 -22.18
CA ILE H 61 13.91 10.46 -22.60
C ILE H 61 13.92 11.96 -22.87
N ALA H 62 14.99 12.62 -22.44
CA ALA H 62 15.17 14.05 -22.63
C ALA H 62 14.01 14.83 -22.02
N THR H 63 13.48 14.32 -20.91
CA THR H 63 12.53 15.04 -20.07
C THR H 63 13.16 15.28 -18.71
N LEU H 64 12.64 16.28 -18.01
CA LEU H 64 13.05 16.51 -16.62
C LEU H 64 12.35 15.51 -15.72
N VAL H 65 13.13 14.81 -14.90
CA VAL H 65 12.59 13.85 -13.95
C VAL H 65 13.18 14.11 -12.58
N ALA H 66 12.52 13.55 -11.56
CA ALA H 66 13.08 13.49 -10.22
C ALA H 66 13.68 12.13 -9.99
N LYS H 67 14.82 12.10 -9.31
CA LYS H 67 15.45 10.86 -8.88
C LYS H 67 15.47 10.87 -7.36
N ILE H 68 14.81 9.89 -6.75
CA ILE H 68 14.72 9.78 -5.30
C ILE H 68 15.15 8.36 -4.94
N ALA H 69 16.29 8.24 -4.27
CA ALA H 69 16.81 6.93 -3.86
C ALA H 69 16.96 6.03 -5.08
N ASN H 70 17.32 6.62 -6.21
CA ASN H 70 17.57 5.91 -7.47
C ASN H 70 16.29 5.38 -8.11
N LYS H 71 15.14 5.92 -7.73
CA LYS H 71 13.88 5.67 -8.41
C LYS H 71 13.48 6.93 -9.16
N LYS H 72 12.98 6.75 -10.39
CA LYS H 72 12.68 7.86 -11.27
C LYS H 72 11.19 8.19 -11.22
N PHE H 73 10.89 9.48 -11.19
CA PHE H 73 9.51 9.97 -11.20
C PHE H 73 9.38 11.10 -12.21
N ALA H 74 8.24 11.18 -12.88
CA ALA H 74 8.02 12.22 -13.87
C ALA H 74 7.86 13.57 -13.19
N ILE H 75 8.40 14.60 -13.83
CA ILE H 75 8.24 15.99 -13.37
C ILE H 75 7.84 16.83 -14.57
N GLY H 76 8.68 16.84 -15.60
CA GLY H 76 8.39 17.66 -16.76
C GLY H 76 8.30 19.12 -16.39
N ASN H 77 7.33 19.81 -17.00
CA ASN H 77 7.13 21.22 -16.71
C ASN H 77 6.75 21.48 -15.25
N GLY H 78 6.25 20.47 -14.53
CA GLY H 78 5.98 20.66 -13.12
C GLY H 78 4.92 19.71 -12.60
N VAL H 79 4.80 19.71 -11.26
CA VAL H 79 3.79 18.94 -10.56
C VAL H 79 3.32 19.79 -9.38
N LEU H 80 2.07 19.55 -8.94
CA LEU H 80 1.47 20.31 -7.85
C LEU H 80 1.03 19.36 -6.74
N HIS H 81 1.56 19.56 -5.54
CA HIS H 81 1.13 18.87 -4.34
C HIS H 81 1.05 17.36 -4.55
N LYS H 82 2.18 16.78 -4.96
CA LYS H 82 2.26 15.34 -5.17
C LYS H 82 2.86 14.66 -3.94
N THR H 83 2.29 13.50 -3.59
CA THR H 83 2.78 12.75 -2.45
C THR H 83 3.99 11.93 -2.83
N VAL H 84 5.07 12.08 -2.06
CA VAL H 84 6.30 11.35 -2.29
C VAL H 84 6.11 9.92 -1.78
N PRO H 85 6.23 8.90 -2.63
CA PRO H 85 5.97 7.53 -2.18
C PRO H 85 7.16 6.80 -1.59
N VAL H 86 8.35 7.39 -1.63
CA VAL H 86 9.57 6.73 -1.17
C VAL H 86 10.46 7.77 -0.49
N ASP H 87 11.27 7.29 0.46
CA ASP H 87 12.25 8.15 1.10
C ASP H 87 13.48 8.33 0.23
N GLY H 88 14.13 9.47 0.38
CA GLY H 88 15.41 9.70 -0.27
C GLY H 88 15.61 11.17 -0.58
N GLU H 89 16.81 11.46 -1.09
CA GLU H 89 17.20 12.80 -1.50
C GLU H 89 16.65 13.10 -2.89
N LEU H 90 16.14 14.32 -3.08
CA LEU H 90 15.57 14.71 -4.36
C LEU H 90 16.68 15.17 -5.29
N ILE H 91 16.92 14.41 -6.35
CA ILE H 91 17.81 14.82 -7.42
C ILE H 91 16.96 15.17 -8.62
N LEU H 92 17.29 16.28 -9.29
CA LEU H 92 16.64 16.68 -10.52
C LEU H 92 17.57 16.36 -11.69
N LEU H 93 17.04 15.70 -12.72
CA LEU H 93 17.85 15.14 -13.78
C LEU H 93 17.18 15.38 -15.11
N PHE H 94 17.95 15.85 -16.09
CA PHE H 94 17.55 15.77 -17.49
C PHE H 94 17.83 14.34 -17.97
N ASN H 95 16.76 13.59 -18.22
CA ASN H 95 16.85 12.14 -18.38
C ASN H 95 17.21 11.76 -19.82
N ASP H 96 18.42 12.15 -20.22
CA ASP H 96 18.92 11.76 -21.53
C ASP H 96 19.42 10.31 -21.47
N VAL H 97 19.59 9.73 -22.66
CA VAL H 97 20.11 8.36 -22.77
C VAL H 97 21.51 8.30 -22.17
N PRO H 98 21.83 7.31 -21.34
CA PRO H 98 23.18 7.27 -20.73
C PRO H 98 24.28 7.31 -21.79
N GLY H 99 25.30 8.10 -21.53
CA GLY H 99 26.42 8.24 -22.43
C GLY H 99 26.23 9.24 -23.54
N THR H 100 25.06 9.89 -23.63
CA THR H 100 24.77 10.82 -24.71
C THR H 100 24.61 12.26 -24.19
N PHE H 101 25.14 12.56 -23.00
CA PHE H 101 25.02 13.91 -22.45
C PHE H 101 26.04 14.89 -23.02
N GLY H 102 27.05 14.39 -23.75
CA GLY H 102 28.12 15.26 -24.20
C GLY H 102 27.72 16.29 -25.23
N ASP H 103 26.64 16.05 -25.97
CA ASP H 103 26.18 16.98 -26.98
C ASP H 103 24.99 17.81 -26.53
N ASN H 104 24.77 17.91 -25.21
CA ASN H 104 23.69 18.71 -24.65
C ASN H 104 24.21 20.09 -24.24
N SER H 105 23.30 21.05 -24.19
CA SER H 105 23.65 22.40 -23.77
C SER H 105 22.41 23.07 -23.18
N GLY H 106 22.63 24.10 -22.40
CA GLY H 106 21.55 24.82 -21.75
C GLY H 106 21.15 24.20 -20.44
N GLU H 107 20.25 24.89 -19.75
CA GLU H 107 19.77 24.45 -18.44
C GLU H 107 18.33 24.90 -18.27
N PHE H 108 17.61 24.18 -17.42
CA PHE H 108 16.28 24.59 -16.99
C PHE H 108 16.39 25.40 -15.70
N GLN H 109 15.43 26.29 -15.50
CA GLN H 109 15.25 27.00 -14.25
C GLN H 109 14.10 26.33 -13.50
N VAL H 110 14.37 25.82 -12.31
CA VAL H 110 13.43 24.99 -11.57
C VAL H 110 13.25 25.53 -10.15
N GLU H 111 12.02 25.44 -9.65
CA GLU H 111 11.67 25.79 -8.28
C GLU H 111 11.00 24.59 -7.64
N VAL H 112 11.40 24.25 -6.43
CA VAL H 112 10.85 23.13 -5.68
C VAL H 112 10.36 23.67 -4.34
N ILE H 113 9.15 23.26 -3.96
CA ILE H 113 8.58 23.57 -2.66
C ILE H 113 8.16 22.27 -2.01
N ILE H 114 8.57 22.06 -0.77
CA ILE H 114 8.03 20.99 0.04
C ILE H 114 6.75 21.54 0.68
N GLU H 115 5.60 21.08 0.17
CA GLU H 115 4.32 21.63 0.61
C GLU H 115 3.94 21.14 1.99
N SER H 116 4.34 19.92 2.35
CA SER H 116 4.00 19.38 3.66
C SER H 116 4.93 18.22 3.98
N ARG H 117 5.23 18.09 5.28
CA ARG H 117 5.96 16.95 5.82
C ARG H 117 4.96 15.98 6.46
N TYR H 118 5.19 14.69 6.25
CA TYR H 118 4.18 13.69 6.58
C TYR H 118 3.81 13.74 8.06
N SER H 119 2.52 13.87 8.32
CA SER H 119 1.98 13.82 9.67
C SER H 119 0.53 13.38 9.54
N PRO H 120 0.16 12.19 9.98
CA PRO H 120 -1.22 11.73 9.82
C PRO H 120 -2.13 12.25 10.93
N LEU H 121 -3.42 12.34 10.61
CA LEU H 121 -4.41 12.43 11.67
C LEU H 121 -4.31 11.20 12.56
N LYS H 122 -4.39 11.41 13.87
CA LYS H 122 -4.25 10.32 14.83
C LYS H 122 -5.39 10.39 15.84
#